data_1CVS
#
_entry.id   1CVS
#
_cell.length_a   98.450
_cell.length_b   98.450
_cell.length_c   197.030
_cell.angle_alpha   90.00
_cell.angle_beta   90.00
_cell.angle_gamma   90.00
#
_symmetry.space_group_name_H-M   'P 41 21 2'
#
loop_
_entity.id
_entity.type
_entity.pdbx_description
1 polymer 'FIBROBLAST GROWTH FACTOR 2'
2 polymer 'FIBROBLAST GROWTH FACTOR RECEPTOR 1'
3 non-polymer 'SULFATE ION'
#
loop_
_entity_poly.entity_id
_entity_poly.type
_entity_poly.pdbx_seq_one_letter_code
_entity_poly.pdbx_strand_id
1 'polypeptide(L)'
;GHFKDPKRLYCKNGGFFLRIHPDGRVDGVREKSDPHIKLQLQAEERGVVSIKGVSANRYLAMKEDGRLLASKSVTDECFF
FERLESNNYNTYRSRKYTSWYVALKRTGQYKLGSKTGPGQKAILFLPMSAKS
;
A,B
2 'polypeptide(L)'
;TDNTKPNRMPVAPYWTSPEKMEKKLHAVPAAKTVKFKCPSSGTPQPTLRWLKNGKEFKPDHRIGGYKVRYATWSIIMDSV
VPSDKGNYTCIVENEYGSINHTYQLDVVERSPHRPILQAGLPANKTVALGSNVEFMCKVYSDPQPHIQWLKHIEVNGSKI
GPDNLPYVQILKTAGVNTTDKEMEVLHLRNVSFEDAGEYTCLAGNSIGLSHHSAWLTVLEALEER
;
C,D
#
# COMPACT_ATOMS: atom_id res chain seq x y z
N HIS A 2 -16.57 -7.13 6.51
CA HIS A 2 -16.99 -7.67 7.83
C HIS A 2 -16.59 -9.14 7.98
N PHE A 3 -15.75 -9.43 8.97
CA PHE A 3 -15.25 -10.78 9.21
C PHE A 3 -16.32 -11.86 9.46
N LYS A 4 -17.50 -11.46 9.93
CA LYS A 4 -18.58 -12.40 10.20
C LYS A 4 -19.22 -12.99 8.94
N ASP A 5 -19.22 -12.22 7.85
CA ASP A 5 -19.83 -12.64 6.58
C ASP A 5 -18.93 -13.56 5.74
N PRO A 6 -19.54 -14.28 4.78
CA PRO A 6 -18.76 -15.18 3.93
C PRO A 6 -17.90 -14.36 3.00
N LYS A 7 -16.79 -14.96 2.59
CA LYS A 7 -15.87 -14.31 1.69
C LYS A 7 -15.67 -15.19 0.47
N ARG A 8 -15.28 -14.56 -0.64
CA ARG A 8 -15.02 -15.31 -1.85
C ARG A 8 -13.51 -15.23 -2.04
N LEU A 9 -12.86 -16.36 -2.26
CA LEU A 9 -11.42 -16.31 -2.45
C LEU A 9 -11.00 -16.33 -3.91
N TYR A 10 -10.57 -15.17 -4.41
CA TYR A 10 -10.13 -15.01 -5.79
C TYR A 10 -8.63 -15.28 -5.90
N CYS A 11 -8.25 -16.31 -6.65
CA CYS A 11 -6.84 -16.67 -6.79
C CYS A 11 -6.15 -15.78 -7.82
N LYS A 12 -5.00 -15.25 -7.44
CA LYS A 12 -4.24 -14.38 -8.33
C LYS A 12 -3.83 -15.11 -9.61
N ASN A 13 -3.72 -16.43 -9.52
CA ASN A 13 -3.32 -17.24 -10.66
C ASN A 13 -4.48 -17.69 -11.53
N GLY A 14 -4.93 -16.80 -12.41
CA GLY A 14 -6.01 -17.12 -13.32
C GLY A 14 -7.33 -16.47 -13.02
N GLY A 15 -7.46 -15.91 -11.83
CA GLY A 15 -8.71 -15.25 -11.49
C GLY A 15 -9.76 -16.28 -11.11
N PHE A 16 -9.30 -17.45 -10.67
CA PHE A 16 -10.21 -18.50 -10.26
C PHE A 16 -10.58 -18.38 -8.78
N PHE A 17 -11.88 -18.45 -8.51
CA PHE A 17 -12.42 -18.41 -7.16
C PHE A 17 -12.37 -19.83 -6.60
N LEU A 18 -11.86 -20.00 -5.38
CA LEU A 18 -11.82 -21.32 -4.78
C LEU A 18 -13.25 -21.84 -4.62
N ARG A 19 -13.47 -23.06 -5.09
CA ARG A 19 -14.78 -23.66 -5.02
C ARG A 19 -14.85 -24.99 -4.27
N ILE A 20 -15.89 -25.14 -3.45
CA ILE A 20 -16.07 -26.38 -2.72
C ILE A 20 -17.40 -26.99 -3.08
N HIS A 21 -17.33 -28.05 -3.87
CA HIS A 21 -18.51 -28.79 -4.32
C HIS A 21 -19.17 -29.54 -3.17
N PRO A 22 -20.50 -29.61 -3.17
CA PRO A 22 -21.25 -30.31 -2.14
C PRO A 22 -20.79 -31.77 -1.96
N ASP A 23 -20.22 -32.33 -3.01
CA ASP A 23 -19.76 -33.70 -2.97
C ASP A 23 -18.35 -33.83 -2.37
N GLY A 24 -17.78 -32.71 -1.92
CA GLY A 24 -16.45 -32.75 -1.33
C GLY A 24 -15.30 -32.45 -2.27
N ARG A 25 -15.56 -32.29 -3.57
CA ARG A 25 -14.49 -31.99 -4.51
C ARG A 25 -14.09 -30.52 -4.37
N VAL A 26 -12.81 -30.24 -4.64
CA VAL A 26 -12.29 -28.87 -4.56
C VAL A 26 -11.63 -28.45 -5.88
N ASP A 27 -11.98 -27.27 -6.37
CA ASP A 27 -11.41 -26.75 -7.61
C ASP A 27 -11.65 -25.24 -7.71
N GLY A 28 -11.47 -24.69 -8.90
CA GLY A 28 -11.69 -23.27 -9.09
C GLY A 28 -12.64 -22.90 -10.23
N VAL A 29 -13.13 -21.67 -10.19
CA VAL A 29 -14.05 -21.17 -11.20
C VAL A 29 -14.02 -19.66 -11.25
N ARG A 30 -13.99 -19.10 -12.45
CA ARG A 30 -13.97 -17.66 -12.57
C ARG A 30 -15.34 -17.03 -12.40
N GLU A 31 -16.39 -17.82 -12.59
CA GLU A 31 -17.74 -17.30 -12.46
C GLU A 31 -18.16 -16.89 -11.04
N LYS A 32 -18.12 -15.59 -10.78
CA LYS A 32 -18.46 -15.05 -9.48
C LYS A 32 -19.85 -15.44 -8.99
N SER A 33 -20.75 -15.81 -9.91
CA SER A 33 -22.09 -16.19 -9.47
C SER A 33 -22.22 -17.67 -9.11
N ASP A 34 -21.11 -18.40 -9.19
CA ASP A 34 -21.08 -19.83 -8.85
C ASP A 34 -21.66 -20.00 -7.45
N PRO A 35 -22.58 -20.97 -7.30
CA PRO A 35 -23.22 -21.23 -6.01
C PRO A 35 -22.32 -21.77 -4.89
N HIS A 36 -21.25 -22.44 -5.27
CA HIS A 36 -20.36 -23.05 -4.29
C HIS A 36 -19.06 -22.32 -4.00
N ILE A 37 -19.01 -21.02 -4.24
CA ILE A 37 -17.76 -20.36 -3.93
C ILE A 37 -17.79 -19.44 -2.71
N LYS A 38 -18.94 -19.35 -2.05
CA LYS A 38 -19.02 -18.54 -0.84
C LYS A 38 -18.48 -19.37 0.32
N LEU A 39 -17.36 -18.88 0.87
CA LEU A 39 -16.66 -19.53 1.98
C LEU A 39 -16.83 -18.79 3.30
N GLN A 40 -16.79 -19.55 4.38
CA GLN A 40 -16.90 -18.97 5.73
C GLN A 40 -15.60 -19.28 6.43
N LEU A 41 -14.77 -18.25 6.53
CA LEU A 41 -13.48 -18.37 7.17
C LEU A 41 -13.72 -18.17 8.67
N GLN A 42 -13.30 -19.16 9.45
CA GLN A 42 -13.45 -19.09 10.89
C GLN A 42 -12.07 -19.23 11.53
N ALA A 43 -11.78 -18.40 12.52
CA ALA A 43 -10.49 -18.47 13.19
C ALA A 43 -10.59 -19.45 14.33
N GLU A 44 -9.59 -20.32 14.46
CA GLU A 44 -9.59 -21.30 15.54
C GLU A 44 -8.73 -20.70 16.65
N GLU A 45 -7.84 -19.80 16.22
CA GLU A 45 -6.93 -19.11 17.11
C GLU A 45 -6.21 -18.08 16.24
N ARG A 46 -5.41 -17.21 16.86
CA ARG A 46 -4.67 -16.20 16.10
C ARG A 46 -3.96 -16.75 14.88
N GLY A 47 -4.29 -16.19 13.73
CA GLY A 47 -3.64 -16.60 12.49
C GLY A 47 -3.97 -17.98 11.94
N VAL A 48 -5.01 -18.62 12.47
CA VAL A 48 -5.39 -19.95 12.01
C VAL A 48 -6.88 -19.99 11.70
N VAL A 49 -7.22 -20.43 10.49
CA VAL A 49 -8.61 -20.52 10.09
C VAL A 49 -8.98 -21.86 9.45
N SER A 50 -10.27 -22.16 9.52
CA SER A 50 -10.84 -23.35 8.91
C SER A 50 -11.64 -22.68 7.79
N ILE A 51 -11.63 -23.28 6.61
CA ILE A 51 -12.36 -22.72 5.48
C ILE A 51 -13.56 -23.61 5.23
N LYS A 52 -14.75 -23.08 5.49
CA LYS A 52 -15.96 -23.86 5.29
C LYS A 52 -16.79 -23.43 4.09
N GLY A 53 -17.08 -24.39 3.21
CA GLY A 53 -17.88 -24.08 2.04
C GLY A 53 -19.33 -23.96 2.51
N VAL A 54 -19.89 -22.76 2.44
CA VAL A 54 -21.25 -22.54 2.89
C VAL A 54 -22.30 -23.39 2.20
N SER A 55 -22.21 -23.49 0.88
CA SER A 55 -23.17 -24.28 0.12
C SER A 55 -22.98 -25.76 0.42
N ALA A 56 -21.76 -26.24 0.23
CA ALA A 56 -21.46 -27.65 0.47
C ALA A 56 -21.44 -28.08 1.94
N ASN A 57 -21.41 -27.12 2.85
CA ASN A 57 -21.35 -27.43 4.27
C ASN A 57 -20.21 -28.42 4.54
N ARG A 58 -19.04 -28.15 3.98
CA ARG A 58 -17.85 -28.99 4.17
C ARG A 58 -16.66 -28.09 4.45
N TYR A 59 -15.63 -28.67 5.07
CA TYR A 59 -14.42 -27.95 5.43
C TYR A 59 -13.25 -28.31 4.53
N LEU A 60 -12.59 -27.29 3.99
CA LEU A 60 -11.44 -27.50 3.12
C LEU A 60 -10.37 -28.26 3.90
N ALA A 61 -9.83 -29.32 3.33
CA ALA A 61 -8.81 -30.09 4.00
C ALA A 61 -7.65 -30.46 3.10
N MET A 62 -6.46 -30.44 3.68
CA MET A 62 -5.22 -30.77 2.99
C MET A 62 -4.88 -32.19 3.45
N LYS A 63 -4.57 -33.07 2.51
CA LYS A 63 -4.25 -34.45 2.84
C LYS A 63 -2.74 -34.65 2.91
N GLU A 64 -2.32 -35.74 3.54
CA GLU A 64 -0.92 -36.04 3.71
C GLU A 64 -0.08 -35.92 2.44
N ASP A 65 -0.68 -36.28 1.29
CA ASP A 65 0.04 -36.22 0.02
C ASP A 65 -0.08 -34.84 -0.63
N GLY A 66 -0.90 -33.98 -0.03
CA GLY A 66 -1.05 -32.64 -0.57
C GLY A 66 -2.24 -32.41 -1.48
N ARG A 67 -3.23 -33.30 -1.44
CA ARG A 67 -4.40 -33.09 -2.28
C ARG A 67 -5.48 -32.42 -1.44
N LEU A 68 -6.32 -31.62 -2.08
CA LEU A 68 -7.39 -30.93 -1.37
C LEU A 68 -8.69 -31.65 -1.50
N LEU A 69 -9.56 -31.45 -0.53
CA LEU A 69 -10.89 -32.04 -0.52
C LEU A 69 -11.63 -31.31 0.58
N ALA A 70 -12.95 -31.45 0.61
CA ALA A 70 -13.73 -30.79 1.65
C ALA A 70 -14.40 -31.82 2.53
N SER A 71 -13.89 -31.93 3.75
CA SER A 71 -14.39 -32.88 4.76
C SER A 71 -15.79 -32.52 5.24
N LYS A 72 -16.54 -33.53 5.68
CA LYS A 72 -17.90 -33.30 6.15
C LYS A 72 -17.83 -32.67 7.53
N SER A 73 -16.94 -33.18 8.37
CA SER A 73 -16.76 -32.69 9.72
C SER A 73 -15.31 -32.25 9.87
N VAL A 74 -15.06 -31.38 10.84
CA VAL A 74 -13.71 -30.87 11.04
C VAL A 74 -12.71 -31.88 11.60
N THR A 75 -11.55 -31.95 10.95
CA THR A 75 -10.47 -32.83 11.40
C THR A 75 -9.27 -31.91 11.58
N ASP A 76 -8.10 -32.46 11.85
CA ASP A 76 -6.94 -31.60 12.09
C ASP A 76 -6.25 -31.12 10.81
N GLU A 77 -6.82 -31.50 9.67
CA GLU A 77 -6.26 -31.09 8.37
C GLU A 77 -7.08 -29.94 7.82
N CYS A 78 -8.05 -29.50 8.61
CA CYS A 78 -8.93 -28.42 8.19
C CYS A 78 -8.50 -27.03 8.67
N PHE A 79 -7.25 -26.90 9.13
CA PHE A 79 -6.74 -25.63 9.62
C PHE A 79 -5.58 -25.11 8.81
N PHE A 80 -5.59 -23.79 8.57
CA PHE A 80 -4.56 -23.16 7.77
C PHE A 80 -4.09 -21.85 8.37
N PHE A 81 -2.84 -21.49 8.05
CA PHE A 81 -2.26 -20.24 8.52
C PHE A 81 -2.65 -19.15 7.54
N GLU A 82 -3.62 -18.33 7.94
CA GLU A 82 -4.05 -17.24 7.09
C GLU A 82 -3.04 -16.12 7.29
N ARG A 83 -2.31 -15.80 6.24
CA ARG A 83 -1.33 -14.74 6.31
C ARG A 83 -1.47 -13.71 5.21
N LEU A 84 -1.57 -12.44 5.59
CA LEU A 84 -1.66 -11.36 4.64
C LEU A 84 -0.22 -10.98 4.27
N GLU A 85 0.25 -11.48 3.12
CA GLU A 85 1.60 -11.22 2.64
C GLU A 85 1.88 -9.75 2.38
N SER A 86 3.16 -9.44 2.15
CA SER A 86 3.56 -8.06 1.89
C SER A 86 3.08 -7.53 0.54
N ASN A 87 2.67 -8.41 -0.36
CA ASN A 87 2.19 -7.94 -1.67
C ASN A 87 0.69 -7.63 -1.61
N ASN A 88 0.09 -7.85 -0.44
CA ASN A 88 -1.33 -7.61 -0.18
C ASN A 88 -2.25 -8.72 -0.65
N TYR A 89 -1.70 -9.92 -0.72
CA TYR A 89 -2.46 -11.09 -1.10
C TYR A 89 -2.38 -12.03 0.10
N ASN A 90 -3.39 -12.88 0.26
CA ASN A 90 -3.45 -13.82 1.37
C ASN A 90 -2.92 -15.17 0.92
N THR A 91 -2.41 -15.94 1.87
CA THR A 91 -1.94 -17.28 1.60
C THR A 91 -2.45 -18.17 2.69
N TYR A 92 -2.83 -19.40 2.32
CA TYR A 92 -3.35 -20.34 3.29
C TYR A 92 -2.46 -21.57 3.37
N ARG A 93 -1.66 -21.60 4.41
CA ARG A 93 -0.70 -22.67 4.64
C ARG A 93 -1.26 -23.71 5.59
N SER A 94 -1.13 -24.97 5.21
CA SER A 94 -1.60 -26.09 6.03
C SER A 94 -0.93 -26.08 7.41
N ARG A 95 -1.73 -26.05 8.46
CA ARG A 95 -1.18 -26.04 9.81
C ARG A 95 -0.56 -27.41 10.08
N LYS A 96 -1.05 -28.44 9.40
CA LYS A 96 -0.54 -29.78 9.59
C LYS A 96 0.65 -30.13 8.69
N TYR A 97 0.58 -29.71 7.43
CA TYR A 97 1.67 -29.96 6.47
C TYR A 97 2.32 -28.61 6.19
N THR A 98 2.79 -28.00 7.27
CA THR A 98 3.44 -26.69 7.31
C THR A 98 4.12 -26.07 6.09
N SER A 99 4.62 -26.89 5.17
CA SER A 99 5.30 -26.34 3.99
C SER A 99 4.48 -26.32 2.68
N TRP A 100 3.18 -26.58 2.79
CA TRP A 100 2.31 -26.61 1.62
C TRP A 100 1.18 -25.62 1.71
N TYR A 101 0.82 -25.03 0.57
CA TYR A 101 -0.26 -24.04 0.47
C TYR A 101 -1.48 -24.49 -0.34
N VAL A 102 -2.63 -23.93 0.01
CA VAL A 102 -3.84 -24.17 -0.73
C VAL A 102 -3.52 -23.35 -2.00
N ALA A 103 -3.64 -23.95 -3.18
CA ALA A 103 -3.32 -23.20 -4.42
C ALA A 103 -4.06 -23.74 -5.63
N LEU A 104 -4.26 -22.88 -6.64
CA LEU A 104 -4.95 -23.30 -7.85
C LEU A 104 -4.08 -23.09 -9.10
N LYS A 105 -4.14 -24.05 -10.02
CA LYS A 105 -3.36 -23.97 -11.26
C LYS A 105 -4.05 -23.02 -12.25
N ARG A 106 -3.28 -22.60 -13.25
CA ARG A 106 -3.75 -21.69 -14.29
C ARG A 106 -4.94 -22.32 -15.03
N THR A 107 -5.08 -23.64 -14.88
CA THR A 107 -6.15 -24.40 -15.53
C THR A 107 -7.45 -24.48 -14.73
N GLY A 108 -7.43 -24.00 -13.50
CA GLY A 108 -8.64 -24.04 -12.70
C GLY A 108 -8.76 -25.26 -11.80
N GLN A 109 -7.66 -25.97 -11.60
CA GLN A 109 -7.68 -27.14 -10.73
C GLN A 109 -6.75 -26.92 -9.56
N TYR A 110 -7.09 -27.49 -8.41
CA TYR A 110 -6.22 -27.28 -7.26
C TYR A 110 -4.84 -27.84 -7.56
N LYS A 111 -3.83 -27.21 -6.96
CA LYS A 111 -2.45 -27.62 -7.12
C LYS A 111 -2.04 -28.36 -5.87
N LEU A 112 -1.36 -29.48 -6.07
CA LEU A 112 -0.92 -30.31 -4.97
C LEU A 112 0.01 -29.58 -4.03
N GLY A 113 -0.24 -29.74 -2.73
CA GLY A 113 0.58 -29.10 -1.73
C GLY A 113 2.04 -29.40 -2.00
N SER A 114 2.34 -30.68 -2.21
CA SER A 114 3.70 -31.10 -2.50
C SER A 114 4.37 -30.29 -3.62
N LYS A 115 3.59 -29.53 -4.38
CA LYS A 115 4.14 -28.75 -5.48
C LYS A 115 4.04 -27.24 -5.30
N THR A 116 3.61 -26.77 -4.13
CA THR A 116 3.49 -25.32 -3.95
C THR A 116 4.68 -24.68 -3.25
N GLY A 117 5.00 -23.47 -3.69
CA GLY A 117 6.12 -22.74 -3.10
C GLY A 117 5.78 -21.28 -2.92
N PRO A 118 6.59 -20.54 -2.16
CA PRO A 118 6.42 -19.11 -1.86
C PRO A 118 6.45 -18.20 -3.09
N GLY A 119 7.34 -18.51 -4.03
CA GLY A 119 7.42 -17.69 -5.22
C GLY A 119 6.34 -18.00 -6.24
N GLN A 120 5.31 -18.73 -5.83
CA GLN A 120 4.23 -19.09 -6.74
C GLN A 120 2.99 -18.21 -6.75
N LYS A 121 2.53 -17.91 -7.96
CA LYS A 121 1.35 -17.08 -8.19
C LYS A 121 0.08 -17.85 -7.84
N ALA A 122 0.22 -19.18 -7.78
CA ALA A 122 -0.91 -20.05 -7.47
C ALA A 122 -1.34 -20.00 -6.00
N ILE A 123 -0.40 -19.70 -5.10
CA ILE A 123 -0.71 -19.66 -3.68
C ILE A 123 -1.32 -18.37 -3.19
N LEU A 124 -1.38 -17.37 -4.06
CA LEU A 124 -1.91 -16.07 -3.67
C LEU A 124 -3.40 -15.89 -3.94
N PHE A 125 -4.14 -15.50 -2.90
CA PHE A 125 -5.57 -15.28 -3.01
C PHE A 125 -5.93 -13.90 -2.48
N LEU A 126 -7.06 -13.40 -2.97
CA LEU A 126 -7.55 -12.11 -2.54
C LEU A 126 -8.96 -12.32 -2.01
N PRO A 127 -9.17 -11.99 -0.71
CA PRO A 127 -10.49 -12.15 -0.11
C PRO A 127 -11.47 -11.13 -0.65
N MET A 128 -12.70 -11.54 -0.90
CA MET A 128 -13.72 -10.63 -1.40
C MET A 128 -15.04 -10.90 -0.68
N SER A 129 -15.47 -9.90 0.07
CA SER A 129 -16.69 -9.98 0.85
C SER A 129 -17.89 -10.38 -0.01
N ALA A 130 -18.75 -11.20 0.58
CA ALA A 130 -19.95 -11.70 -0.10
C ALA A 130 -21.12 -11.69 0.88
N HIS B 2 13.28 12.00 7.52
CA HIS B 2 13.27 13.19 8.43
C HIS B 2 13.04 14.47 7.65
N PHE B 3 11.94 15.16 7.98
CA PHE B 3 11.52 16.40 7.34
C PHE B 3 12.56 17.54 7.36
N LYS B 4 13.42 17.56 8.36
CA LYS B 4 14.44 18.61 8.48
C LYS B 4 15.55 18.51 7.44
N ASP B 5 15.87 17.29 6.99
CA ASP B 5 16.94 17.06 6.02
C ASP B 5 16.54 17.33 4.59
N PRO B 6 17.52 17.51 3.70
CA PRO B 6 17.26 17.78 2.28
C PRO B 6 16.68 16.54 1.65
N LYS B 7 15.90 16.74 0.60
CA LYS B 7 15.31 15.64 -0.10
C LYS B 7 15.64 15.74 -1.58
N ARG B 8 15.63 14.60 -2.27
CA ARG B 8 15.90 14.59 -3.70
C ARG B 8 14.55 14.33 -4.34
N LEU B 9 14.17 15.11 -5.34
CA LEU B 9 12.89 14.87 -5.99
C LEU B 9 13.05 14.10 -7.31
N TYR B 10 12.69 12.81 -7.28
CA TYR B 10 12.79 11.94 -8.44
C TYR B 10 11.47 11.96 -9.23
N CYS B 11 11.52 12.43 -10.47
CA CYS B 11 10.32 12.52 -11.30
C CYS B 11 9.94 11.18 -11.91
N LYS B 12 8.68 10.80 -11.80
CA LYS B 12 8.23 9.51 -12.34
C LYS B 12 8.42 9.46 -13.83
N ASN B 13 8.42 10.63 -14.46
CA ASN B 13 8.56 10.71 -15.88
C ASN B 13 9.99 10.75 -16.39
N GLY B 14 10.64 9.60 -16.43
CA GLY B 14 12.00 9.52 -16.93
C GLY B 14 13.04 9.22 -15.88
N GLY B 15 12.66 9.34 -14.61
CA GLY B 15 13.60 9.08 -13.53
C GLY B 15 14.56 10.24 -13.36
N PHE B 16 14.11 11.42 -13.77
CA PHE B 16 14.91 12.64 -13.65
C PHE B 16 14.72 13.28 -12.29
N PHE B 17 15.84 13.64 -11.66
CA PHE B 17 15.82 14.32 -10.37
C PHE B 17 15.74 15.83 -10.65
N LEU B 18 14.84 16.52 -9.97
CA LEU B 18 14.71 17.97 -10.15
C LEU B 18 16.04 18.62 -9.78
N ARG B 19 16.55 19.47 -10.67
CA ARG B 19 17.81 20.14 -10.43
C ARG B 19 17.74 21.66 -10.51
N ILE B 20 18.40 22.32 -9.56
CA ILE B 20 18.44 23.77 -9.52
C ILE B 20 19.89 24.23 -9.63
N HIS B 21 20.24 24.73 -10.81
CA HIS B 21 21.58 25.23 -11.10
C HIS B 21 21.87 26.53 -10.34
N PRO B 22 23.12 26.72 -9.87
CA PRO B 22 23.46 27.93 -9.13
C PRO B 22 23.18 29.21 -9.90
N ASP B 23 23.08 29.11 -11.23
CA ASP B 23 22.79 30.29 -12.06
C ASP B 23 21.30 30.55 -12.18
N GLY B 24 20.46 29.77 -11.48
CA GLY B 24 19.03 29.98 -11.56
C GLY B 24 18.26 29.12 -12.58
N ARG B 25 18.96 28.38 -13.42
CA ARG B 25 18.28 27.52 -14.38
C ARG B 25 17.71 26.30 -13.66
N VAL B 26 16.60 25.78 -14.19
CA VAL B 26 15.95 24.60 -13.62
C VAL B 26 15.76 23.51 -14.70
N ASP B 27 16.14 22.28 -14.35
CA ASP B 27 16.02 21.15 -15.29
C ASP B 27 16.07 19.83 -14.52
N GLY B 28 16.29 18.74 -15.23
CA GLY B 28 16.38 17.44 -14.59
C GLY B 28 17.62 16.64 -14.93
N VAL B 29 17.95 15.66 -14.10
CA VAL B 29 19.10 14.80 -14.32
C VAL B 29 18.91 13.50 -13.59
N ARG B 30 19.29 12.40 -14.24
CA ARG B 30 19.17 11.09 -13.66
C ARG B 30 20.28 10.80 -12.66
N GLU B 31 21.42 11.46 -12.82
CA GLU B 31 22.54 11.20 -11.92
C GLU B 31 22.35 11.61 -10.47
N LYS B 32 22.08 10.63 -9.64
CA LYS B 32 21.85 10.83 -8.20
C LYS B 32 22.99 11.56 -7.51
N SER B 33 24.20 11.51 -8.06
CA SER B 33 25.33 12.18 -7.42
C SER B 33 25.45 13.66 -7.83
N ASP B 34 24.53 14.12 -8.67
CA ASP B 34 24.58 15.51 -9.09
C ASP B 34 24.64 16.41 -7.88
N PRO B 35 25.50 17.43 -7.92
CA PRO B 35 25.63 18.35 -6.79
C PRO B 35 24.46 19.28 -6.55
N HIS B 36 23.69 19.56 -7.59
CA HIS B 36 22.58 20.50 -7.48
C HIS B 36 21.19 19.90 -7.39
N ILE B 37 21.08 18.68 -6.92
CA ILE B 37 19.77 18.07 -6.83
C ILE B 37 19.23 17.99 -5.40
N LYS B 38 20.05 18.33 -4.42
CA LYS B 38 19.61 18.30 -3.03
C LYS B 38 18.75 19.53 -2.72
N LEU B 39 17.47 19.27 -2.47
CA LEU B 39 16.46 20.29 -2.21
C LEU B 39 16.09 20.38 -0.74
N GLN B 40 15.72 21.58 -0.31
CA GLN B 40 15.30 21.79 1.06
C GLN B 40 13.86 22.28 0.98
N LEU B 41 12.92 21.39 1.27
CA LEU B 41 11.52 21.75 1.22
C LEU B 41 11.16 22.30 2.59
N GLN B 42 10.57 23.49 2.57
CA GLN B 42 10.17 24.16 3.78
C GLN B 42 8.70 24.50 3.66
N ALA B 43 7.97 24.25 4.73
CA ALA B 43 6.55 24.54 4.73
C ALA B 43 6.36 25.98 5.17
N GLU B 44 5.49 26.69 4.47
CA GLU B 44 5.18 28.08 4.81
C GLU B 44 3.92 28.02 5.65
N GLU B 45 3.15 26.97 5.44
CA GLU B 45 1.91 26.71 6.16
C GLU B 45 1.41 25.33 5.72
N ARG B 46 0.38 24.81 6.36
CA ARG B 46 -0.13 23.48 6.00
C ARG B 46 -0.29 23.27 4.51
N GLY B 47 0.38 22.23 4.00
CA GLY B 47 0.28 21.90 2.59
C GLY B 47 0.94 22.85 1.58
N VAL B 48 1.77 23.77 2.07
CA VAL B 48 2.45 24.72 1.19
C VAL B 48 3.94 24.74 1.47
N VAL B 49 4.74 24.55 0.42
CA VAL B 49 6.18 24.53 0.59
C VAL B 49 6.92 25.40 -0.42
N SER B 50 8.14 25.78 -0.05
CA SER B 50 9.00 26.54 -0.94
C SER B 50 10.09 25.51 -1.15
N ILE B 51 10.58 25.41 -2.37
CA ILE B 51 11.59 24.43 -2.70
C ILE B 51 12.91 25.17 -2.89
N LYS B 52 13.85 24.95 -1.98
CA LYS B 52 15.14 25.61 -2.05
C LYS B 52 16.27 24.72 -2.51
N GLY B 53 16.99 25.14 -3.55
CA GLY B 53 18.12 24.37 -4.03
C GLY B 53 19.26 24.62 -3.06
N VAL B 54 19.66 23.61 -2.30
CA VAL B 54 20.71 23.79 -1.31
C VAL B 54 22.03 24.27 -1.87
N SER B 55 22.48 23.68 -2.98
CA SER B 55 23.74 24.10 -3.57
C SER B 55 23.61 25.51 -4.18
N ALA B 56 22.61 25.71 -5.03
CA ALA B 56 22.39 27.00 -5.69
C ALA B 56 21.91 28.09 -4.75
N ASN B 57 21.41 27.71 -3.58
CA ASN B 57 20.86 28.68 -2.64
C ASN B 57 19.84 29.57 -3.35
N ARG B 58 18.93 28.94 -4.10
CA ARG B 58 17.89 29.65 -4.84
C ARG B 58 16.56 28.91 -4.63
N TYR B 59 15.46 29.63 -4.79
CA TYR B 59 14.14 29.04 -4.61
C TYR B 59 13.45 28.79 -5.93
N LEU B 60 12.90 27.59 -6.09
CA LEU B 60 12.19 27.25 -7.32
C LEU B 60 10.97 28.16 -7.47
N ALA B 61 10.83 28.77 -8.63
CA ALA B 61 9.71 29.66 -8.88
C ALA B 61 9.02 29.42 -10.22
N MET B 62 7.70 29.58 -10.21
CA MET B 62 6.88 29.42 -11.40
C MET B 62 6.54 30.81 -11.85
N LYS B 63 6.72 31.07 -13.14
CA LYS B 63 6.42 32.39 -13.70
C LYS B 63 5.03 32.43 -14.27
N GLU B 64 4.54 33.64 -14.51
CA GLU B 64 3.21 33.88 -15.04
C GLU B 64 2.91 33.04 -16.28
N ASP B 65 3.90 32.82 -17.13
CA ASP B 65 3.70 32.05 -18.35
C ASP B 65 3.91 30.55 -18.13
N GLY B 66 4.30 30.18 -16.92
CA GLY B 66 4.51 28.79 -16.60
C GLY B 66 5.92 28.26 -16.75
N ARG B 67 6.92 29.13 -16.80
CA ARG B 67 8.29 28.65 -16.93
C ARG B 67 8.90 28.58 -15.55
N LEU B 68 9.82 27.65 -15.37
CA LEU B 68 10.48 27.48 -14.08
C LEU B 68 11.83 28.16 -14.04
N LEU B 69 12.24 28.56 -12.85
CA LEU B 69 13.54 29.19 -12.63
C LEU B 69 13.74 29.26 -11.13
N ALA B 70 14.96 29.49 -10.69
CA ALA B 70 15.23 29.54 -9.26
C ALA B 70 15.65 30.93 -8.84
N SER B 71 14.74 31.61 -8.13
CA SER B 71 14.95 32.96 -7.65
C SER B 71 16.00 33.03 -6.54
N LYS B 72 16.66 34.19 -6.43
CA LYS B 72 17.69 34.38 -5.42
C LYS B 72 17.04 34.52 -4.05
N SER B 73 15.99 35.32 -4.00
CA SER B 73 15.26 35.53 -2.76
C SER B 73 13.81 35.09 -2.96
N VAL B 74 13.13 34.80 -1.87
CA VAL B 74 11.75 34.36 -1.90
C VAL B 74 10.74 35.40 -2.41
N THR B 75 9.92 35.01 -3.37
CA THR B 75 8.87 35.86 -3.91
C THR B 75 7.59 35.09 -3.72
N ASP B 76 6.48 35.60 -4.25
CA ASP B 76 5.18 34.94 -4.11
C ASP B 76 4.98 33.78 -5.07
N GLU B 77 5.93 33.57 -5.97
CA GLU B 77 5.83 32.49 -6.94
C GLU B 77 6.68 31.30 -6.48
N CYS B 78 7.22 31.41 -5.26
CA CYS B 78 8.07 30.36 -4.73
C CYS B 78 7.35 29.37 -3.82
N PHE B 79 6.03 29.38 -3.85
CA PHE B 79 5.25 28.48 -3.02
C PHE B 79 4.39 27.51 -3.82
N PHE B 80 4.32 26.27 -3.34
CA PHE B 80 3.58 25.23 -4.04
C PHE B 80 2.77 24.37 -3.10
N PHE B 81 1.71 23.78 -3.64
CA PHE B 81 0.88 22.89 -2.86
C PHE B 81 1.48 21.49 -2.92
N GLU B 82 2.10 21.08 -1.82
CA GLU B 82 2.68 19.77 -1.80
C GLU B 82 1.55 18.82 -1.44
N ARG B 83 1.23 17.93 -2.37
CA ARG B 83 0.17 16.98 -2.13
C ARG B 83 0.63 15.56 -2.43
N LEU B 84 0.41 14.67 -1.47
CA LEU B 84 0.73 13.25 -1.61
C LEU B 84 -0.52 12.61 -2.25
N GLU B 85 -0.47 12.40 -3.56
CA GLU B 85 -1.59 11.83 -4.30
C GLU B 85 -1.90 10.40 -3.91
N SER B 86 -3.03 9.89 -4.40
CA SER B 86 -3.48 8.55 -4.09
C SER B 86 -2.60 7.45 -4.69
N ASN B 87 -1.77 7.81 -5.67
CA ASN B 87 -0.88 6.84 -6.30
C ASN B 87 0.44 6.75 -5.55
N ASN B 88 0.57 7.57 -4.52
CA ASN B 88 1.76 7.61 -3.68
C ASN B 88 2.92 8.39 -4.25
N TYR B 89 2.57 9.35 -5.10
CA TYR B 89 3.53 10.25 -5.73
C TYR B 89 3.15 11.62 -5.26
N ASN B 90 4.12 12.51 -5.17
CA ASN B 90 3.86 13.87 -4.76
C ASN B 90 3.70 14.75 -5.98
N THR B 91 2.96 15.84 -5.82
CA THR B 91 2.78 16.81 -6.89
C THR B 91 2.96 18.19 -6.29
N TYR B 92 3.58 19.08 -7.05
CA TYR B 92 3.80 20.42 -6.57
C TYR B 92 3.09 21.44 -7.47
N ARG B 93 1.96 21.91 -6.97
CA ARG B 93 1.13 22.85 -7.69
C ARG B 93 1.40 24.28 -7.24
N SER B 94 1.59 25.17 -8.22
CA SER B 94 1.85 26.59 -7.96
C SER B 94 0.73 27.21 -7.15
N ARG B 95 1.07 27.81 -6.02
CA ARG B 95 0.04 28.41 -5.19
C ARG B 95 -0.46 29.67 -5.87
N LYS B 96 0.37 30.26 -6.74
CA LYS B 96 -0.05 31.46 -7.44
C LYS B 96 -0.76 31.18 -8.77
N TYR B 97 -0.28 30.19 -9.52
CA TYR B 97 -0.92 29.83 -10.79
C TYR B 97 -1.54 28.46 -10.58
N THR B 98 -2.44 28.43 -9.61
CA THR B 98 -3.16 27.26 -9.15
C THR B 98 -3.46 26.07 -10.06
N SER B 99 -3.46 26.25 -11.37
CA SER B 99 -3.74 25.10 -12.24
C SER B 99 -2.52 24.53 -12.97
N TRP B 100 -1.31 24.89 -12.54
CA TRP B 100 -0.12 24.36 -13.17
C TRP B 100 0.79 23.69 -12.16
N TYR B 101 1.51 22.67 -12.60
CA TYR B 101 2.42 21.92 -11.74
C TYR B 101 3.87 21.97 -12.15
N VAL B 102 4.75 21.77 -11.18
CA VAL B 102 6.18 21.71 -11.46
C VAL B 102 6.25 20.34 -12.15
N ALA B 103 6.87 20.26 -13.32
CA ALA B 103 6.95 18.99 -14.04
C ALA B 103 8.15 18.90 -14.98
N LEU B 104 8.60 17.68 -15.26
CA LEU B 104 9.73 17.46 -16.13
C LEU B 104 9.35 16.60 -17.33
N LYS B 105 9.88 16.95 -18.51
CA LYS B 105 9.62 16.22 -19.74
C LYS B 105 10.47 14.94 -19.78
N ARG B 106 10.07 14.02 -20.65
CA ARG B 106 10.76 12.74 -20.82
C ARG B 106 12.22 12.99 -21.28
N THR B 107 12.45 14.22 -21.75
CA THR B 107 13.76 14.66 -22.25
C THR B 107 14.69 15.23 -21.17
N GLY B 108 14.16 15.45 -19.97
CA GLY B 108 14.99 15.98 -18.90
C GLY B 108 14.90 17.50 -18.76
N GLN B 109 13.90 18.11 -19.38
CA GLN B 109 13.75 19.55 -19.29
C GLN B 109 12.44 19.86 -18.62
N TYR B 110 12.40 20.97 -17.88
CA TYR B 110 11.16 21.31 -17.21
C TYR B 110 10.05 21.48 -18.25
N LYS B 111 8.83 21.18 -17.83
CA LYS B 111 7.67 21.30 -18.67
C LYS B 111 6.89 22.52 -18.23
N LEU B 112 6.47 23.32 -19.21
CA LEU B 112 5.73 24.53 -18.95
C LEU B 112 4.46 24.31 -18.16
N GLY B 113 4.26 25.13 -17.14
CA GLY B 113 3.05 25.00 -16.35
C GLY B 113 1.86 24.98 -17.27
N SER B 114 1.81 25.94 -18.17
CA SER B 114 0.71 26.05 -19.12
C SER B 114 0.39 24.73 -19.84
N LYS B 115 1.30 23.76 -19.75
CA LYS B 115 1.11 22.48 -20.42
C LYS B 115 0.93 21.29 -19.48
N THR B 116 0.85 21.53 -18.18
CA THR B 116 0.71 20.44 -17.22
C THR B 116 -0.71 20.09 -16.83
N GLY B 117 -0.98 18.80 -16.69
CA GLY B 117 -2.30 18.34 -16.31
C GLY B 117 -2.24 17.20 -15.29
N PRO B 118 -3.35 16.92 -14.60
CA PRO B 118 -3.41 15.86 -13.60
C PRO B 118 -3.14 14.44 -14.11
N GLY B 119 -3.54 14.16 -15.34
CA GLY B 119 -3.30 12.84 -15.89
C GLY B 119 -1.90 12.69 -16.43
N GLN B 120 -1.01 13.61 -16.10
CA GLN B 120 0.35 13.56 -16.61
C GLN B 120 1.42 12.93 -15.71
N LYS B 121 2.23 12.08 -16.32
CA LYS B 121 3.31 11.37 -15.67
C LYS B 121 4.45 12.33 -15.28
N ALA B 122 4.47 13.48 -15.95
CA ALA B 122 5.49 14.49 -15.72
C ALA B 122 5.35 15.23 -14.40
N ILE B 123 4.12 15.35 -13.89
CA ILE B 123 3.90 16.08 -12.65
C ILE B 123 4.10 15.26 -11.39
N LEU B 124 4.36 13.98 -11.56
CA LEU B 124 4.54 13.11 -10.40
C LEU B 124 5.99 12.97 -9.96
N PHE B 125 6.25 13.24 -8.68
CA PHE B 125 7.60 13.13 -8.11
C PHE B 125 7.58 12.25 -6.89
N LEU B 126 8.74 11.68 -6.59
CA LEU B 126 8.91 10.82 -5.45
C LEU B 126 10.01 11.42 -4.58
N PRO B 127 9.70 11.77 -3.32
CA PRO B 127 10.69 12.36 -2.41
C PRO B 127 11.70 11.30 -2.00
N MET B 128 12.96 11.67 -1.91
CA MET B 128 14.01 10.74 -1.51
C MET B 128 14.99 11.43 -0.58
N SER B 129 14.98 10.97 0.66
CA SER B 129 15.85 11.49 1.71
C SER B 129 17.31 11.58 1.26
N ALA B 130 17.98 12.67 1.63
CA ALA B 130 19.39 12.88 1.30
C ALA B 130 20.12 13.52 2.48
N MET C 9 -5.51 -6.71 -49.39
CA MET C 9 -6.35 -7.82 -48.85
C MET C 9 -7.14 -7.37 -47.62
N PRO C 10 -8.24 -6.63 -47.83
CA PRO C 10 -9.09 -6.12 -46.76
C PRO C 10 -9.48 -7.17 -45.70
N VAL C 11 -9.18 -6.86 -44.44
CA VAL C 11 -9.50 -7.76 -43.34
C VAL C 11 -10.00 -6.98 -42.14
N ALA C 12 -11.15 -7.40 -41.60
CA ALA C 12 -11.74 -6.76 -40.43
C ALA C 12 -10.90 -7.16 -39.22
N PRO C 13 -10.85 -6.31 -38.18
CA PRO C 13 -10.06 -6.67 -37.01
C PRO C 13 -10.44 -8.00 -36.38
N TYR C 14 -9.44 -8.71 -35.89
CA TYR C 14 -9.65 -9.99 -35.25
C TYR C 14 -8.64 -10.18 -34.12
N TRP C 15 -9.03 -10.96 -33.12
CA TRP C 15 -8.16 -11.21 -31.99
C TRP C 15 -7.00 -12.12 -32.37
N THR C 16 -5.78 -11.68 -32.07
CA THR C 16 -4.60 -12.47 -32.37
C THR C 16 -4.22 -13.36 -31.19
N SER C 17 -4.70 -13.03 -29.99
CA SER C 17 -4.38 -13.82 -28.81
C SER C 17 -5.56 -13.96 -27.86
N PRO C 18 -6.64 -14.60 -28.32
CA PRO C 18 -7.84 -14.79 -27.51
C PRO C 18 -7.54 -15.53 -26.21
N GLU C 19 -6.40 -16.24 -26.21
CA GLU C 19 -5.96 -17.02 -25.04
C GLU C 19 -5.62 -16.09 -23.89
N LYS C 20 -5.13 -14.90 -24.22
CA LYS C 20 -4.74 -13.90 -23.22
C LYS C 20 -5.91 -12.99 -22.82
N MET C 21 -7.14 -13.44 -23.05
CA MET C 21 -8.31 -12.62 -22.72
C MET C 21 -9.34 -13.38 -21.91
N GLU C 22 -9.08 -14.66 -21.65
CA GLU C 22 -9.99 -15.50 -20.88
C GLU C 22 -10.35 -14.93 -19.49
N LYS C 23 -9.43 -14.22 -18.85
CA LYS C 23 -9.70 -13.66 -17.52
C LYS C 23 -10.44 -12.34 -17.62
N LYS C 24 -11.77 -12.41 -17.69
CA LYS C 24 -12.61 -11.22 -17.81
C LYS C 24 -12.59 -10.34 -16.54
N LEU C 25 -12.57 -10.95 -15.36
CA LEU C 25 -12.53 -10.20 -14.08
C LEU C 25 -11.15 -10.02 -13.45
N HIS C 26 -10.77 -8.77 -13.20
CA HIS C 26 -9.51 -8.44 -12.54
C HIS C 26 -9.76 -7.86 -11.16
N ALA C 27 -9.54 -8.68 -10.13
CA ALA C 27 -9.71 -8.25 -8.75
C ALA C 27 -8.32 -8.12 -8.17
N VAL C 28 -8.05 -6.97 -7.54
CA VAL C 28 -6.74 -6.72 -6.99
C VAL C 28 -6.71 -5.82 -5.76
N PRO C 29 -5.63 -5.90 -4.97
CA PRO C 29 -5.54 -5.05 -3.79
C PRO C 29 -5.08 -3.66 -4.26
N ALA C 30 -5.71 -2.62 -3.74
CA ALA C 30 -5.38 -1.24 -4.09
C ALA C 30 -3.88 -1.00 -4.15
N ALA C 31 -3.47 -0.09 -5.03
CA ALA C 31 -2.07 0.30 -5.22
C ALA C 31 -1.37 -0.54 -6.29
N LYS C 32 -2.04 -1.58 -6.75
CA LYS C 32 -1.46 -2.44 -7.78
C LYS C 32 -1.55 -1.79 -9.18
N THR C 33 -0.62 -2.16 -10.05
CA THR C 33 -0.58 -1.68 -11.44
C THR C 33 -1.44 -2.62 -12.26
N VAL C 34 -2.41 -2.08 -12.99
CA VAL C 34 -3.29 -2.89 -13.83
C VAL C 34 -3.00 -2.68 -15.33
N LYS C 35 -3.00 -3.77 -16.11
CA LYS C 35 -2.78 -3.70 -17.55
C LYS C 35 -3.81 -4.58 -18.26
N PHE C 36 -4.55 -3.99 -19.20
CA PHE C 36 -5.56 -4.74 -19.97
C PHE C 36 -5.13 -4.84 -21.42
N LYS C 37 -5.04 -6.06 -21.93
CA LYS C 37 -4.61 -6.31 -23.30
C LYS C 37 -5.72 -6.84 -24.21
N CYS C 38 -5.75 -6.31 -25.44
CA CYS C 38 -6.71 -6.74 -26.46
C CYS C 38 -5.97 -6.98 -27.76
N PRO C 39 -5.03 -7.94 -27.76
CA PRO C 39 -4.23 -8.27 -28.94
C PRO C 39 -5.14 -8.59 -30.11
N SER C 40 -5.08 -7.75 -31.13
CA SER C 40 -5.89 -7.94 -32.31
C SER C 40 -5.06 -7.62 -33.56
N SER C 41 -5.69 -7.74 -34.73
CA SER C 41 -5.01 -7.45 -35.99
C SER C 41 -6.04 -7.23 -37.08
N GLY C 42 -5.56 -6.78 -38.24
CA GLY C 42 -6.43 -6.53 -39.37
C GLY C 42 -5.79 -5.58 -40.36
N THR C 43 -6.29 -5.56 -41.60
CA THR C 43 -5.76 -4.64 -42.60
C THR C 43 -6.90 -3.91 -43.32
N PRO C 44 -6.85 -2.58 -43.35
CA PRO C 44 -5.78 -1.78 -42.74
C PRO C 44 -5.73 -1.87 -41.21
N GLN C 45 -4.54 -1.66 -40.67
CA GLN C 45 -4.30 -1.69 -39.23
C GLN C 45 -5.38 -0.95 -38.45
N PRO C 46 -6.10 -1.66 -37.57
CA PRO C 46 -7.18 -1.00 -36.80
C PRO C 46 -6.75 -0.02 -35.70
N THR C 47 -7.72 0.72 -35.20
CA THR C 47 -7.52 1.72 -34.15
C THR C 47 -7.94 1.13 -32.81
N LEU C 48 -7.24 1.51 -31.74
CA LEU C 48 -7.55 1.02 -30.40
C LEU C 48 -7.93 2.17 -29.48
N ARG C 49 -9.12 2.09 -28.89
CA ARG C 49 -9.55 3.10 -27.93
C ARG C 49 -10.21 2.36 -26.76
N TRP C 50 -10.17 2.96 -25.57
CA TRP C 50 -10.76 2.33 -24.39
C TRP C 50 -11.90 3.13 -23.82
N LEU C 51 -12.76 2.44 -23.07
CA LEU C 51 -13.91 3.08 -22.45
C LEU C 51 -14.09 2.61 -21.01
N LYS C 52 -14.17 3.57 -20.09
CA LYS C 52 -14.40 3.25 -18.68
C LYS C 52 -15.92 3.32 -18.52
N ASN C 53 -16.51 2.18 -18.19
CA ASN C 53 -17.95 2.07 -18.01
C ASN C 53 -18.76 2.54 -19.22
N GLY C 54 -18.25 2.26 -20.41
CA GLY C 54 -18.96 2.66 -21.62
C GLY C 54 -18.77 4.09 -22.08
N LYS C 55 -18.07 4.90 -21.31
CA LYS C 55 -17.86 6.29 -21.71
C LYS C 55 -16.42 6.54 -22.17
N GLU C 56 -16.21 7.63 -22.90
CA GLU C 56 -14.87 7.98 -23.36
C GLU C 56 -13.99 8.01 -22.11
N PHE C 57 -12.78 7.48 -22.24
CA PHE C 57 -11.86 7.41 -21.12
C PHE C 57 -10.57 8.20 -21.35
N LYS C 58 -10.55 9.47 -20.97
CA LYS C 58 -9.34 10.27 -21.15
C LYS C 58 -8.41 10.07 -19.96
N PRO C 59 -7.08 10.17 -20.17
CA PRO C 59 -6.12 10.00 -19.08
C PRO C 59 -6.22 10.97 -17.91
N ASP C 60 -6.89 12.10 -18.08
CA ASP C 60 -7.03 13.04 -16.99
C ASP C 60 -8.14 12.59 -16.07
N HIS C 61 -8.74 11.45 -16.41
CA HIS C 61 -9.81 10.90 -15.60
C HIS C 61 -9.28 10.24 -14.31
N ARG C 62 -7.96 10.18 -14.15
CA ARG C 62 -7.40 9.59 -12.93
C ARG C 62 -6.03 10.16 -12.70
N ILE C 63 -5.68 10.36 -11.43
CA ILE C 63 -4.36 10.89 -11.09
C ILE C 63 -3.27 10.01 -11.67
N GLY C 64 -2.24 10.64 -12.23
CA GLY C 64 -1.16 9.88 -12.83
C GLY C 64 -1.55 9.37 -14.21
N GLY C 65 -2.85 9.47 -14.51
CA GLY C 65 -3.36 9.02 -15.79
C GLY C 65 -3.16 7.55 -16.10
N TYR C 66 -2.80 7.26 -17.34
CA TYR C 66 -2.57 5.89 -17.77
C TYR C 66 -1.86 5.83 -19.12
N LYS C 67 -1.11 4.75 -19.37
CA LYS C 67 -0.37 4.60 -20.61
C LYS C 67 -1.02 3.58 -21.55
N VAL C 68 -1.09 3.93 -22.83
CA VAL C 68 -1.67 3.05 -23.83
C VAL C 68 -0.60 2.61 -24.84
N ARG C 69 -0.01 1.44 -24.64
CA ARG C 69 1.01 0.94 -25.57
C ARG C 69 0.25 0.30 -26.73
N TYR C 70 0.21 1.00 -27.87
CA TYR C 70 -0.51 0.53 -29.05
C TYR C 70 0.13 -0.68 -29.68
N ALA C 71 1.44 -0.78 -29.54
CA ALA C 71 2.16 -1.91 -30.10
C ALA C 71 1.75 -3.18 -29.35
N THR C 72 1.24 -3.00 -28.14
CA THR C 72 0.81 -4.11 -27.29
C THR C 72 -0.71 -4.23 -27.23
N TRP C 73 -1.40 -3.25 -27.78
CA TRP C 73 -2.86 -3.28 -27.75
C TRP C 73 -3.30 -3.34 -26.30
N SER C 74 -2.65 -2.57 -25.45
CA SER C 74 -3.02 -2.61 -24.05
C SER C 74 -3.07 -1.25 -23.37
N ILE C 75 -3.70 -1.23 -22.20
CA ILE C 75 -3.83 -0.02 -21.41
C ILE C 75 -3.27 -0.37 -20.04
N ILE C 76 -2.54 0.57 -19.45
CA ILE C 76 -1.96 0.31 -18.15
C ILE C 76 -2.25 1.39 -17.14
N MET C 77 -2.62 0.96 -15.95
CA MET C 77 -2.89 1.91 -14.88
C MET C 77 -2.06 1.57 -13.66
N ASP C 78 -1.42 2.59 -13.11
CA ASP C 78 -0.60 2.41 -11.92
C ASP C 78 -1.44 2.67 -10.69
N SER C 79 -0.96 2.18 -9.55
CA SER C 79 -1.63 2.35 -8.26
C SER C 79 -3.15 2.55 -8.32
N VAL C 80 -3.86 1.48 -8.67
CA VAL C 80 -5.31 1.52 -8.78
C VAL C 80 -6.02 1.67 -7.43
N VAL C 81 -6.97 2.59 -7.40
CA VAL C 81 -7.73 2.85 -6.19
C VAL C 81 -9.21 2.52 -6.49
N PRO C 82 -10.07 2.46 -5.46
CA PRO C 82 -11.50 2.15 -5.62
C PRO C 82 -12.22 2.94 -6.70
N SER C 83 -11.88 4.22 -6.89
CA SER C 83 -12.54 5.02 -7.92
C SER C 83 -12.26 4.44 -9.31
N ASP C 84 -11.25 3.58 -9.42
CA ASP C 84 -10.93 2.96 -10.69
C ASP C 84 -11.85 1.79 -10.95
N LYS C 85 -12.45 1.27 -9.89
CA LYS C 85 -13.35 0.14 -10.02
C LYS C 85 -14.34 0.38 -11.16
N GLY C 86 -14.53 -0.62 -12.01
CA GLY C 86 -15.48 -0.45 -13.10
C GLY C 86 -15.23 -1.36 -14.28
N ASN C 87 -15.94 -1.10 -15.39
CA ASN C 87 -15.76 -1.91 -16.59
C ASN C 87 -14.96 -1.14 -17.63
N TYR C 88 -14.02 -1.81 -18.24
CA TYR C 88 -13.21 -1.17 -19.26
C TYR C 88 -13.37 -1.97 -20.53
N THR C 89 -13.67 -1.26 -21.61
CA THR C 89 -13.90 -1.87 -22.91
C THR C 89 -12.93 -1.37 -23.96
N CYS C 90 -12.31 -2.29 -24.68
CA CYS C 90 -11.39 -1.90 -25.72
C CYS C 90 -12.18 -2.00 -27.03
N ILE C 91 -11.91 -1.07 -27.94
CA ILE C 91 -12.58 -1.05 -29.21
C ILE C 91 -11.54 -0.98 -30.31
N VAL C 92 -11.34 -2.11 -30.98
CA VAL C 92 -10.40 -2.21 -32.08
C VAL C 92 -11.23 -2.10 -33.34
N GLU C 93 -10.87 -1.17 -34.21
CA GLU C 93 -11.67 -1.00 -35.40
C GLU C 93 -10.94 -0.50 -36.65
N ASN C 94 -11.47 -0.89 -37.82
CA ASN C 94 -10.96 -0.46 -39.11
C ASN C 94 -12.17 -0.34 -40.03
N GLU C 95 -11.94 0.02 -41.29
CA GLU C 95 -13.03 0.19 -42.26
C GLU C 95 -13.96 -1.00 -42.48
N TYR C 96 -13.50 -2.21 -42.19
CA TYR C 96 -14.35 -3.38 -42.43
C TYR C 96 -15.00 -4.03 -41.22
N GLY C 97 -14.77 -3.47 -40.03
CA GLY C 97 -15.37 -4.03 -38.85
C GLY C 97 -14.71 -3.58 -37.56
N SER C 98 -15.34 -3.94 -36.44
CA SER C 98 -14.81 -3.60 -35.13
C SER C 98 -15.12 -4.72 -34.16
N ILE C 99 -14.24 -4.87 -33.18
CA ILE C 99 -14.42 -5.87 -32.16
C ILE C 99 -14.13 -5.20 -30.85
N ASN C 100 -14.72 -5.71 -29.77
CA ASN C 100 -14.54 -5.13 -28.45
C ASN C 100 -14.46 -6.22 -27.39
N HIS C 101 -13.91 -5.88 -26.25
CA HIS C 101 -13.80 -6.81 -25.15
C HIS C 101 -13.80 -6.01 -23.88
N THR C 102 -14.56 -6.47 -22.89
CA THR C 102 -14.65 -5.75 -21.62
C THR C 102 -14.02 -6.52 -20.47
N TYR C 103 -13.36 -5.80 -19.58
CA TYR C 103 -12.74 -6.40 -18.40
C TYR C 103 -13.40 -5.77 -17.19
N GLN C 104 -13.44 -6.49 -16.09
CA GLN C 104 -14.04 -5.93 -14.91
C GLN C 104 -12.93 -5.75 -13.91
N LEU C 105 -12.79 -4.53 -13.39
CA LEU C 105 -11.77 -4.26 -12.39
C LEU C 105 -12.41 -4.11 -11.02
N ASP C 106 -11.83 -4.78 -10.05
CA ASP C 106 -12.32 -4.67 -8.70
C ASP C 106 -11.11 -4.50 -7.80
N VAL C 107 -11.08 -3.38 -7.07
CA VAL C 107 -9.96 -3.09 -6.17
C VAL C 107 -10.37 -3.24 -4.71
N VAL C 108 -9.58 -3.98 -3.96
CA VAL C 108 -9.85 -4.22 -2.54
C VAL C 108 -8.83 -3.51 -1.66
N GLU C 109 -9.31 -2.74 -0.70
CA GLU C 109 -8.43 -2.05 0.24
C GLU C 109 -8.34 -2.96 1.45
N ARG C 110 -7.13 -3.39 1.79
CA ARG C 110 -6.89 -4.29 2.92
C ARG C 110 -6.70 -3.48 4.21
N SER C 111 -5.85 -3.97 5.08
CA SER C 111 -5.62 -3.32 6.36
C SER C 111 -4.70 -4.19 7.19
N PRO C 112 -3.39 -4.12 6.93
CA PRO C 112 -2.44 -4.95 7.68
C PRO C 112 -2.14 -4.42 9.08
N HIS C 113 -3.13 -4.51 9.95
CA HIS C 113 -2.99 -4.09 11.34
C HIS C 113 -3.86 -4.98 12.23
N ARG C 114 -3.52 -5.03 13.52
CA ARG C 114 -4.26 -5.83 14.48
C ARG C 114 -5.73 -5.41 14.51
N PRO C 115 -6.61 -6.24 15.09
CA PRO C 115 -8.04 -5.89 15.13
C PRO C 115 -8.35 -4.56 15.82
N ILE C 116 -9.49 -3.98 15.46
CA ILE C 116 -9.93 -2.71 16.03
C ILE C 116 -11.32 -2.91 16.66
N LEU C 117 -11.46 -2.54 17.92
CA LEU C 117 -12.75 -2.67 18.60
C LEU C 117 -13.43 -1.31 18.61
N GLN C 118 -14.74 -1.27 18.42
CA GLN C 118 -15.43 0.02 18.44
C GLN C 118 -15.22 0.62 19.83
N ALA C 119 -14.85 1.88 19.87
CA ALA C 119 -14.65 2.56 21.14
C ALA C 119 -15.99 2.62 21.85
N GLY C 120 -15.99 2.48 23.17
CA GLY C 120 -17.22 2.55 23.91
C GLY C 120 -17.92 1.23 24.19
N LEU C 121 -17.40 0.14 23.61
CA LEU C 121 -17.99 -1.18 23.84
C LEU C 121 -16.93 -2.23 24.08
N PRO C 122 -17.17 -3.13 25.03
CA PRO C 122 -18.39 -3.20 25.85
C PRO C 122 -18.46 -1.99 26.77
N ALA C 123 -19.66 -1.66 27.24
CA ALA C 123 -19.83 -0.51 28.12
C ALA C 123 -20.10 -0.97 29.55
N ASN C 124 -19.71 -0.15 30.51
CA ASN C 124 -19.96 -0.49 31.89
C ASN C 124 -21.48 -0.61 32.06
N LYS C 125 -21.90 -1.56 32.90
CA LYS C 125 -23.33 -1.80 33.15
C LYS C 125 -23.60 -1.91 34.65
N THR C 126 -24.60 -1.19 35.13
CA THR C 126 -24.97 -1.32 36.54
C THR C 126 -26.38 -1.91 36.47
N VAL C 127 -26.60 -3.02 37.18
CA VAL C 127 -27.90 -3.66 37.16
C VAL C 127 -28.32 -4.21 38.52
N ALA C 128 -29.56 -4.67 38.60
CA ALA C 128 -30.10 -5.21 39.84
C ALA C 128 -29.85 -6.70 39.90
N LEU C 129 -29.64 -7.21 41.11
CA LEU C 129 -29.39 -8.64 41.29
C LEU C 129 -30.49 -9.42 40.58
N GLY C 130 -30.11 -10.39 39.78
CA GLY C 130 -31.09 -11.19 39.08
C GLY C 130 -31.40 -10.76 37.66
N SER C 131 -30.91 -9.61 37.25
CA SER C 131 -31.14 -9.10 35.90
C SER C 131 -30.51 -9.98 34.81
N ASN C 132 -30.75 -9.62 33.57
CA ASN C 132 -30.20 -10.34 32.44
C ASN C 132 -29.40 -9.35 31.60
N VAL C 133 -28.10 -9.25 31.86
CA VAL C 133 -27.28 -8.31 31.10
C VAL C 133 -26.57 -9.00 29.94
N GLU C 134 -26.23 -8.23 28.91
CA GLU C 134 -25.50 -8.76 27.76
C GLU C 134 -24.57 -7.68 27.21
N PHE C 135 -23.29 -8.03 27.08
CA PHE C 135 -22.26 -7.10 26.60
C PHE C 135 -22.07 -7.19 25.10
N MET C 136 -21.53 -6.14 24.52
CA MET C 136 -21.26 -6.14 23.09
C MET C 136 -19.81 -5.81 22.82
N CYS C 137 -19.36 -6.20 21.64
CA CYS C 137 -18.00 -5.93 21.22
C CYS C 137 -18.00 -5.90 19.70
N LYS C 138 -17.74 -4.74 19.12
CA LYS C 138 -17.75 -4.63 17.67
C LYS C 138 -16.30 -4.66 17.17
N VAL C 139 -15.94 -5.72 16.46
CA VAL C 139 -14.57 -5.88 15.95
C VAL C 139 -14.43 -5.60 14.46
N TYR C 140 -13.22 -5.23 14.06
CA TYR C 140 -12.92 -4.97 12.66
C TYR C 140 -11.54 -5.54 12.40
N SER C 141 -11.43 -6.35 11.36
CA SER C 141 -10.14 -6.93 11.02
C SER C 141 -10.21 -7.38 9.57
N ASP C 142 -9.13 -7.15 8.83
CA ASP C 142 -9.09 -7.59 7.44
C ASP C 142 -8.93 -9.10 7.60
N PRO C 143 -7.77 -9.57 8.10
CA PRO C 143 -7.62 -11.01 8.26
C PRO C 143 -8.54 -11.48 9.37
N GLN C 144 -9.05 -12.71 9.28
CA GLN C 144 -9.98 -13.21 10.31
C GLN C 144 -9.48 -13.02 11.73
N PRO C 145 -10.30 -12.39 12.56
CA PRO C 145 -9.92 -12.16 13.96
C PRO C 145 -10.42 -13.29 14.88
N HIS C 146 -9.65 -13.57 15.91
CA HIS C 146 -10.05 -14.57 16.88
C HIS C 146 -10.52 -13.80 18.10
N ILE C 147 -11.82 -13.85 18.35
CA ILE C 147 -12.43 -13.17 19.49
C ILE C 147 -12.61 -14.09 20.67
N GLN C 148 -12.62 -13.51 21.87
CA GLN C 148 -12.76 -14.29 23.09
C GLN C 148 -13.24 -13.39 24.21
N TRP C 149 -14.06 -13.93 25.11
CA TRP C 149 -14.55 -13.14 26.24
C TRP C 149 -13.97 -13.69 27.52
N LEU C 150 -13.55 -12.78 28.41
CA LEU C 150 -12.96 -13.16 29.68
C LEU C 150 -13.57 -12.42 30.84
N LYS C 151 -13.47 -13.02 32.03
CA LYS C 151 -13.91 -12.33 33.22
C LYS C 151 -12.70 -12.29 34.14
N HIS C 152 -12.47 -11.14 34.76
CA HIS C 152 -11.34 -10.99 35.65
C HIS C 152 -11.70 -11.46 37.05
N ILE C 153 -10.83 -12.31 37.60
CA ILE C 153 -11.06 -12.90 38.89
C ILE C 153 -10.09 -12.54 40.03
N GLU C 154 -10.57 -12.58 41.27
CA GLU C 154 -9.75 -12.28 42.45
C GLU C 154 -9.69 -13.56 43.27
N VAL C 155 -8.49 -14.08 43.52
CA VAL C 155 -8.31 -15.34 44.28
C VAL C 155 -8.21 -15.12 45.81
N ASN C 156 -7.81 -13.91 46.16
CA ASN C 156 -7.67 -13.43 47.54
C ASN C 156 -7.86 -11.94 47.30
N GLY C 157 -6.81 -11.15 47.41
CA GLY C 157 -7.01 -9.74 47.14
C GLY C 157 -6.67 -9.49 45.69
N SER C 158 -5.56 -10.11 45.29
CA SER C 158 -5.00 -9.99 43.95
C SER C 158 -5.90 -10.45 42.83
N LYS C 159 -5.84 -9.67 41.75
CA LYS C 159 -6.59 -9.92 40.53
C LYS C 159 -5.50 -10.32 39.56
N ILE C 160 -4.26 -10.25 40.05
CA ILE C 160 -3.08 -10.63 39.29
C ILE C 160 -2.33 -11.71 40.04
N GLY C 161 -1.80 -12.68 39.32
CA GLY C 161 -1.10 -13.78 39.95
C GLY C 161 0.43 -13.76 39.91
N PRO C 162 1.05 -14.81 40.47
CA PRO C 162 2.49 -15.05 40.57
C PRO C 162 3.26 -14.57 39.36
N ASP C 163 2.78 -14.95 38.19
CA ASP C 163 3.40 -14.57 36.92
C ASP C 163 3.16 -13.13 36.51
N ASN C 164 2.35 -12.41 37.28
CA ASN C 164 2.01 -11.01 37.02
C ASN C 164 0.96 -10.83 35.90
N LEU C 165 0.25 -11.91 35.62
CA LEU C 165 -0.82 -11.90 34.63
C LEU C 165 -2.10 -11.93 35.44
N PRO C 166 -3.17 -11.32 34.92
CA PRO C 166 -4.45 -11.30 35.63
C PRO C 166 -5.11 -12.68 35.60
N TYR C 167 -5.76 -13.07 36.70
CA TYR C 167 -6.46 -14.35 36.74
C TYR C 167 -7.70 -14.10 35.93
N VAL C 168 -8.11 -15.07 35.13
CA VAL C 168 -9.29 -14.89 34.32
C VAL C 168 -10.12 -16.14 34.19
N GLN C 169 -11.28 -15.98 33.57
CA GLN C 169 -12.17 -17.09 33.32
C GLN C 169 -12.62 -16.93 31.87
N ILE C 170 -12.23 -17.88 31.03
CA ILE C 170 -12.60 -17.85 29.61
C ILE C 170 -14.08 -18.17 29.49
N LEU C 171 -14.85 -17.18 29.10
CA LEU C 171 -16.29 -17.36 28.96
C LEU C 171 -16.79 -17.75 27.57
N LYS C 172 -16.09 -17.29 26.54
CA LYS C 172 -16.48 -17.55 25.17
C LYS C 172 -15.25 -17.48 24.28
N THR C 173 -15.18 -18.37 23.30
CA THR C 173 -14.02 -18.41 22.40
C THR C 173 -14.52 -18.79 21.03
N ALA C 174 -14.21 -17.95 20.05
CA ALA C 174 -14.65 -18.20 18.69
C ALA C 174 -13.98 -19.45 18.13
N GLY C 175 -14.67 -20.08 17.20
CA GLY C 175 -14.19 -21.28 16.56
C GLY C 175 -15.37 -22.01 15.95
N VAL C 176 -15.10 -23.16 15.35
CA VAL C 176 -16.14 -23.97 14.74
C VAL C 176 -17.35 -24.21 15.66
N ASN C 177 -17.09 -24.33 16.96
CA ASN C 177 -18.15 -24.58 17.92
C ASN C 177 -18.92 -23.32 18.29
N THR C 178 -18.29 -22.17 18.06
CA THR C 178 -18.92 -20.91 18.39
C THR C 178 -18.54 -19.96 17.31
N THR C 179 -19.34 -19.93 16.25
CA THR C 179 -19.11 -19.08 15.09
C THR C 179 -19.17 -17.57 15.40
N ASP C 180 -18.49 -16.80 14.56
CA ASP C 180 -18.44 -15.35 14.71
C ASP C 180 -19.84 -14.78 14.93
N LYS C 181 -20.83 -15.44 14.38
CA LYS C 181 -22.22 -15.03 14.52
C LYS C 181 -22.50 -14.60 15.97
N GLU C 182 -22.27 -15.51 16.90
CA GLU C 182 -22.55 -15.22 18.31
C GLU C 182 -21.41 -14.63 19.14
N MET C 183 -20.24 -14.46 18.53
CA MET C 183 -19.08 -13.94 19.25
C MET C 183 -19.03 -12.46 19.62
N GLU C 184 -19.89 -11.65 19.01
CA GLU C 184 -19.88 -10.22 19.30
C GLU C 184 -20.71 -9.78 20.50
N VAL C 185 -21.46 -10.71 21.09
CA VAL C 185 -22.27 -10.34 22.24
C VAL C 185 -22.16 -11.40 23.34
N LEU C 186 -21.83 -10.95 24.54
CA LEU C 186 -21.70 -11.86 25.67
C LEU C 186 -22.97 -11.77 26.48
N HIS C 187 -23.62 -12.92 26.67
CA HIS C 187 -24.86 -12.99 27.42
C HIS C 187 -24.69 -13.45 28.86
N LEU C 188 -25.20 -12.66 29.80
CA LEU C 188 -25.14 -13.02 31.19
C LEU C 188 -26.60 -13.15 31.63
N ARG C 189 -27.06 -14.39 31.77
CA ARG C 189 -28.44 -14.66 32.17
C ARG C 189 -28.60 -14.69 33.68
N ASN C 190 -29.52 -13.85 34.18
CA ASN C 190 -29.82 -13.75 35.59
C ASN C 190 -28.53 -13.64 36.40
N VAL C 191 -28.08 -12.43 36.65
CA VAL C 191 -26.84 -12.21 37.39
C VAL C 191 -26.96 -12.38 38.90
N SER C 192 -25.83 -12.23 39.59
CA SER C 192 -25.77 -12.35 41.03
C SER C 192 -24.55 -11.54 41.46
N PHE C 193 -24.47 -11.20 42.74
CA PHE C 193 -23.35 -10.42 43.22
C PHE C 193 -22.02 -11.02 42.77
N GLU C 194 -22.05 -12.33 42.52
CA GLU C 194 -20.87 -13.08 42.10
C GLU C 194 -20.43 -12.59 40.72
N ASP C 195 -21.39 -12.54 39.79
CA ASP C 195 -21.13 -12.11 38.42
C ASP C 195 -20.58 -10.69 38.27
N ALA C 196 -20.63 -9.89 39.33
CA ALA C 196 -20.10 -8.54 39.24
C ALA C 196 -18.63 -8.65 38.89
N GLY C 197 -18.06 -7.59 38.35
CA GLY C 197 -16.66 -7.64 38.00
C GLY C 197 -16.38 -7.20 36.57
N GLU C 198 -15.10 -7.18 36.23
CA GLU C 198 -14.64 -6.75 34.92
C GLU C 198 -14.70 -7.83 33.84
N TYR C 199 -15.36 -7.50 32.74
CA TYR C 199 -15.46 -8.43 31.62
C TYR C 199 -14.65 -7.84 30.48
N THR C 200 -13.91 -8.70 29.78
CA THR C 200 -13.04 -8.26 28.71
C THR C 200 -13.28 -8.92 27.37
N CYS C 201 -13.21 -8.13 26.32
CA CYS C 201 -13.37 -8.64 24.96
C CYS C 201 -12.03 -8.59 24.24
N LEU C 202 -11.51 -9.76 23.89
CA LEU C 202 -10.23 -9.86 23.19
C LEU C 202 -10.37 -10.24 21.73
N ALA C 203 -9.57 -9.62 20.89
CA ALA C 203 -9.61 -9.92 19.47
C ALA C 203 -8.19 -9.82 18.91
N GLY C 204 -7.77 -10.84 18.17
CA GLY C 204 -6.45 -10.79 17.61
C GLY C 204 -6.26 -11.53 16.31
N ASN C 205 -5.28 -11.09 15.53
CA ASN C 205 -4.96 -11.77 14.29
C ASN C 205 -3.49 -12.02 14.35
N SER C 206 -2.90 -12.48 13.25
CA SER C 206 -1.47 -12.76 13.23
C SER C 206 -0.64 -11.48 13.42
N ILE C 207 -1.24 -10.35 13.06
CA ILE C 207 -0.54 -9.08 13.19
C ILE C 207 -0.39 -8.61 14.62
N GLY C 208 -1.48 -8.63 15.36
CA GLY C 208 -1.41 -8.18 16.75
C GLY C 208 -2.65 -8.55 17.56
N LEU C 209 -2.74 -7.97 18.75
CA LEU C 209 -3.85 -8.21 19.66
C LEU C 209 -4.50 -6.93 20.20
N SER C 210 -5.81 -6.99 20.44
CA SER C 210 -6.55 -5.86 20.98
C SER C 210 -7.53 -6.38 21.99
N HIS C 211 -8.03 -5.49 22.86
CA HIS C 211 -9.00 -5.88 23.86
C HIS C 211 -9.58 -4.66 24.56
N HIS C 212 -10.87 -4.71 24.85
CA HIS C 212 -11.57 -3.63 25.56
C HIS C 212 -12.17 -4.27 26.79
N SER C 213 -12.26 -3.55 27.89
CA SER C 213 -12.85 -4.14 29.08
C SER C 213 -14.00 -3.27 29.54
N ALA C 214 -14.90 -3.86 30.32
CA ALA C 214 -16.05 -3.13 30.86
C ALA C 214 -16.34 -3.67 32.24
N TRP C 215 -17.03 -2.87 33.04
CA TRP C 215 -17.33 -3.31 34.39
C TRP C 215 -18.80 -3.52 34.67
N LEU C 216 -19.10 -4.68 35.25
CA LEU C 216 -20.45 -5.04 35.61
C LEU C 216 -20.64 -4.78 37.09
N THR C 217 -21.50 -3.82 37.40
CA THR C 217 -21.83 -3.45 38.78
C THR C 217 -23.22 -4.00 39.10
N VAL C 218 -23.33 -4.88 40.09
CA VAL C 218 -24.64 -5.43 40.47
C VAL C 218 -25.16 -4.89 41.81
N LEU C 219 -26.47 -4.67 41.87
CA LEU C 219 -27.10 -4.18 43.09
C LEU C 219 -28.47 -4.83 43.29
N MET D 9 26.72 -16.29 -40.20
CA MET D 9 27.40 -14.99 -39.92
C MET D 9 27.49 -14.72 -38.40
N PRO D 10 28.43 -15.40 -37.72
CA PRO D 10 28.62 -15.25 -36.27
C PRO D 10 28.67 -13.80 -35.77
N VAL D 11 27.79 -13.48 -34.82
CA VAL D 11 27.74 -12.15 -34.20
C VAL D 11 27.53 -12.25 -32.71
N ALA D 12 28.37 -11.54 -31.96
CA ALA D 12 28.26 -11.52 -30.51
C ALA D 12 27.04 -10.67 -30.14
N PRO D 13 26.44 -10.94 -28.97
CA PRO D 13 25.28 -10.15 -28.57
C PRO D 13 25.52 -8.64 -28.54
N TYR D 14 24.52 -7.88 -28.94
CA TYR D 14 24.61 -6.43 -28.93
C TYR D 14 23.25 -5.81 -28.60
N TRP D 15 23.25 -4.63 -27.97
CA TRP D 15 21.99 -4.01 -27.61
C TRP D 15 21.32 -3.45 -28.86
N THR D 16 20.04 -3.79 -29.01
CA THR D 16 19.24 -3.36 -30.14
C THR D 16 18.53 -2.04 -29.84
N SER D 17 18.36 -1.73 -28.56
CA SER D 17 17.67 -0.49 -28.17
C SER D 17 18.32 0.16 -26.95
N PRO D 18 19.57 0.60 -27.08
CA PRO D 18 20.29 1.24 -25.98
C PRO D 18 19.57 2.50 -25.49
N GLU D 19 18.68 3.02 -26.32
CA GLU D 19 17.92 4.22 -25.96
C GLU D 19 16.94 3.91 -24.82
N LYS D 20 16.48 2.66 -24.77
CA LYS D 20 15.52 2.21 -23.75
C LYS D 20 16.25 1.69 -22.48
N MET D 21 17.51 2.07 -22.31
CA MET D 21 18.29 1.61 -21.17
C MET D 21 18.93 2.75 -20.38
N GLU D 22 18.80 3.96 -20.88
CA GLU D 22 19.39 5.12 -20.23
C GLU D 22 19.00 5.30 -18.75
N LYS D 23 17.79 4.89 -18.38
CA LYS D 23 17.31 5.01 -17.00
C LYS D 23 17.84 3.89 -16.11
N LYS D 24 19.05 4.05 -15.60
CA LYS D 24 19.66 3.02 -14.75
C LYS D 24 18.95 2.84 -13.39
N LEU D 25 18.50 3.93 -12.79
CA LEU D 25 17.80 3.85 -11.49
C LEU D 25 16.28 3.89 -11.54
N HIS D 26 15.64 2.85 -11.01
CA HIS D 26 14.18 2.79 -10.96
C HIS D 26 13.69 2.90 -9.51
N ALA D 27 13.18 4.09 -9.16
CA ALA D 27 12.66 4.33 -7.82
C ALA D 27 11.14 4.38 -7.95
N VAL D 28 10.46 3.63 -7.09
CA VAL D 28 9.01 3.59 -7.15
C VAL D 28 8.31 3.34 -5.82
N PRO D 29 7.02 3.69 -5.75
CA PRO D 29 6.26 3.48 -4.52
C PRO D 29 5.87 2.01 -4.45
N ALA D 30 6.04 1.41 -3.28
CA ALA D 30 5.71 -0.02 -3.10
C ALA D 30 4.37 -0.37 -3.72
N ALA D 31 4.26 -1.61 -4.19
CA ALA D 31 3.05 -2.14 -4.82
C ALA D 31 3.02 -1.96 -6.32
N LYS D 32 3.99 -1.21 -6.85
CA LYS D 32 4.05 -1.00 -8.28
C LYS D 32 4.66 -2.20 -9.00
N THR D 33 4.28 -2.40 -10.27
CA THR D 33 4.82 -3.49 -11.08
C THR D 33 6.05 -2.95 -11.79
N VAL D 34 7.17 -3.64 -11.67
CA VAL D 34 8.40 -3.21 -12.31
C VAL D 34 8.84 -4.15 -13.44
N LYS D 35 9.34 -3.57 -14.52
CA LYS D 35 9.80 -4.38 -15.66
C LYS D 35 11.11 -3.81 -16.17
N PHE D 36 12.11 -4.68 -16.27
CA PHE D 36 13.43 -4.29 -16.75
C PHE D 36 13.70 -4.91 -18.11
N LYS D 37 14.02 -4.06 -19.09
CA LYS D 37 14.28 -4.53 -20.44
C LYS D 37 15.75 -4.39 -20.88
N CYS D 38 16.25 -5.41 -21.57
CA CYS D 38 17.62 -5.44 -22.09
C CYS D 38 17.57 -5.88 -23.55
N PRO D 39 16.85 -5.13 -24.40
CA PRO D 39 16.76 -5.49 -25.82
C PRO D 39 18.12 -5.66 -26.45
N SER D 40 18.42 -6.88 -26.86
CA SER D 40 19.68 -7.19 -27.50
C SER D 40 19.46 -8.13 -28.68
N SER D 41 20.55 -8.51 -29.33
CA SER D 41 20.48 -9.40 -30.49
C SER D 41 21.83 -10.01 -30.77
N GLY D 42 21.86 -10.98 -31.68
CA GLY D 42 23.09 -11.64 -32.05
C GLY D 42 22.81 -13.01 -32.67
N THR D 43 23.79 -13.57 -33.35
CA THR D 43 23.63 -14.89 -33.96
C THR D 43 24.85 -15.76 -33.66
N PRO D 44 24.62 -16.96 -33.11
CA PRO D 44 23.30 -17.50 -32.74
C PRO D 44 22.58 -16.68 -31.66
N GLN D 45 21.25 -16.74 -31.69
CA GLN D 45 20.43 -16.01 -30.72
C GLN D 45 20.93 -16.23 -29.30
N PRO D 46 21.24 -15.14 -28.58
CA PRO D 46 21.74 -15.25 -27.21
C PRO D 46 20.73 -15.66 -26.14
N THR D 47 21.25 -16.02 -24.97
CA THR D 47 20.40 -16.40 -23.85
C THR D 47 20.34 -15.24 -22.88
N LEU D 48 19.21 -15.15 -22.18
CA LEU D 48 18.97 -14.07 -21.24
C LEU D 48 18.73 -14.61 -19.84
N ARG D 49 19.53 -14.15 -18.88
CA ARG D 49 19.39 -14.57 -17.49
C ARG D 49 19.53 -13.32 -16.64
N TRP D 50 18.88 -13.30 -15.47
CA TRP D 50 18.94 -12.15 -14.57
C TRP D 50 19.58 -12.48 -13.23
N LEU D 51 20.11 -11.45 -12.59
CA LEU D 51 20.77 -11.61 -11.30
C LEU D 51 20.36 -10.55 -10.30
N LYS D 52 19.86 -10.96 -9.13
CA LYS D 52 19.52 -9.96 -8.12
C LYS D 52 20.77 -9.85 -7.27
N ASN D 53 21.33 -8.64 -7.26
CA ASN D 53 22.54 -8.33 -6.51
C ASN D 53 23.69 -9.28 -6.83
N GLY D 54 23.83 -9.59 -8.11
CA GLY D 54 24.92 -10.44 -8.54
C GLY D 54 24.75 -11.94 -8.34
N LYS D 55 23.67 -12.37 -7.72
CA LYS D 55 23.48 -13.79 -7.52
C LYS D 55 22.35 -14.33 -8.40
N GLU D 56 22.31 -15.64 -8.55
CA GLU D 56 21.28 -16.30 -9.34
C GLU D 56 19.95 -15.82 -8.79
N PHE D 57 19.00 -15.51 -9.67
CA PHE D 57 17.71 -15.01 -9.24
C PHE D 57 16.57 -15.91 -9.66
N LYS D 58 16.19 -16.86 -8.83
CA LYS D 58 15.09 -17.78 -9.14
C LYS D 58 13.75 -17.13 -8.74
N PRO D 59 12.67 -17.44 -9.48
CA PRO D 59 11.33 -16.89 -9.20
C PRO D 59 10.77 -17.15 -7.82
N ASP D 60 11.28 -18.16 -7.12
CA ASP D 60 10.80 -18.45 -5.77
C ASP D 60 11.41 -17.48 -4.79
N HIS D 61 12.28 -16.63 -5.31
CA HIS D 61 12.95 -15.64 -4.47
C HIS D 61 12.01 -14.51 -4.03
N ARG D 62 10.77 -14.49 -4.52
CA ARG D 62 9.84 -13.46 -4.08
C ARG D 62 8.42 -13.97 -4.28
N ILE D 63 7.52 -13.59 -3.38
CA ILE D 63 6.13 -14.03 -3.47
C ILE D 63 5.54 -13.60 -4.82
N GLY D 64 4.78 -14.49 -5.45
CA GLY D 64 4.21 -14.20 -6.75
C GLY D 64 5.25 -14.37 -7.84
N GLY D 65 6.51 -14.48 -7.42
CA GLY D 65 7.61 -14.66 -8.36
C GLY D 65 7.77 -13.53 -9.36
N TYR D 66 8.08 -13.91 -10.60
CA TYR D 66 8.26 -12.92 -11.66
C TYR D 66 8.21 -13.56 -13.05
N LYS D 67 7.81 -12.78 -14.05
CA LYS D 67 7.73 -13.29 -15.42
C LYS D 67 8.88 -12.75 -16.28
N VAL D 68 9.45 -13.64 -17.10
CA VAL D 68 10.55 -13.29 -17.99
C VAL D 68 10.12 -13.45 -19.43
N ARG D 69 9.68 -12.38 -20.07
CA ARG D 69 9.27 -12.44 -21.46
C ARG D 69 10.54 -12.37 -22.32
N TYR D 70 10.97 -13.51 -22.85
CA TYR D 70 12.19 -13.59 -23.66
C TYR D 70 12.08 -12.87 -24.99
N ALA D 71 10.87 -12.84 -25.54
CA ALA D 71 10.66 -12.16 -26.80
C ALA D 71 10.89 -10.66 -26.62
N THR D 72 10.80 -10.21 -25.37
CA THR D 72 10.99 -8.81 -25.06
C THR D 72 12.29 -8.54 -24.30
N TRP D 73 13.03 -9.59 -24.00
CA TRP D 73 14.29 -9.42 -23.29
C TRP D 73 14.03 -8.66 -22.01
N SER D 74 12.98 -9.03 -21.31
CA SER D 74 12.63 -8.32 -20.11
C SER D 74 12.22 -9.18 -18.93
N ILE D 75 12.28 -8.59 -17.74
CA ILE D 75 11.87 -9.27 -16.53
C ILE D 75 10.81 -8.37 -15.90
N ILE D 76 9.76 -8.99 -15.37
CA ILE D 76 8.68 -8.23 -14.77
C ILE D 76 8.37 -8.66 -13.34
N MET D 77 8.22 -7.68 -12.46
CA MET D 77 7.91 -7.92 -11.06
C MET D 77 6.63 -7.18 -10.70
N ASP D 78 5.70 -7.91 -10.10
CA ASP D 78 4.41 -7.38 -9.67
C ASP D 78 4.55 -6.90 -8.21
N SER D 79 3.70 -5.96 -7.80
CA SER D 79 3.70 -5.42 -6.43
C SER D 79 5.05 -5.51 -5.69
N VAL D 80 5.99 -4.66 -6.11
CA VAL D 80 7.32 -4.60 -5.50
C VAL D 80 7.31 -4.09 -4.06
N VAL D 81 8.03 -4.78 -3.22
CA VAL D 81 8.13 -4.47 -1.82
C VAL D 81 9.60 -4.16 -1.49
N PRO D 82 9.86 -3.55 -0.33
CA PRO D 82 11.23 -3.21 0.08
C PRO D 82 12.25 -4.34 -0.11
N SER D 83 11.84 -5.57 0.18
CA SER D 83 12.75 -6.69 0.05
C SER D 83 13.24 -6.84 -1.38
N ASP D 84 12.52 -6.23 -2.33
CA ASP D 84 12.91 -6.31 -3.73
C ASP D 84 14.00 -5.31 -4.02
N LYS D 85 14.16 -4.30 -3.18
CA LYS D 85 15.19 -3.29 -3.40
C LYS D 85 16.53 -3.95 -3.67
N GLY D 86 17.23 -3.47 -4.69
CA GLY D 86 18.52 -4.04 -5.01
C GLY D 86 18.97 -3.80 -6.44
N ASN D 87 20.04 -4.49 -6.83
CA ASN D 87 20.58 -4.38 -8.17
C ASN D 87 20.20 -5.58 -9.01
N TYR D 88 19.72 -5.34 -10.22
CA TYR D 88 19.38 -6.44 -11.09
C TYR D 88 20.21 -6.33 -12.35
N THR D 89 20.86 -7.42 -12.71
CA THR D 89 21.70 -7.45 -13.90
C THR D 89 21.24 -8.47 -14.91
N CYS D 90 21.10 -8.05 -16.17
CA CYS D 90 20.70 -8.98 -17.21
C CYS D 90 21.99 -9.43 -17.88
N ILE D 91 22.00 -10.69 -18.29
CA ILE D 91 23.15 -11.27 -18.93
C ILE D 91 22.70 -11.90 -20.23
N VAL D 92 23.03 -11.25 -21.33
CA VAL D 92 22.68 -11.76 -22.67
C VAL D 92 23.97 -12.35 -23.20
N GLU D 93 23.90 -13.61 -23.62
CA GLU D 93 25.11 -14.25 -24.09
C GLU D 93 24.95 -15.32 -25.14
N ASN D 94 26.00 -15.48 -25.94
CA ASN D 94 26.05 -16.50 -26.99
C ASN D 94 27.51 -16.94 -27.11
N GLU D 95 27.80 -17.86 -28.03
CA GLU D 95 29.15 -18.38 -28.20
C GLU D 95 30.26 -17.36 -28.46
N TYR D 96 29.91 -16.19 -28.98
CA TYR D 96 30.95 -15.20 -29.30
C TYR D 96 31.09 -14.02 -28.35
N GLY D 97 30.28 -13.99 -27.31
CA GLY D 97 30.37 -12.89 -26.38
C GLY D 97 29.14 -12.73 -25.50
N SER D 98 29.24 -11.83 -24.53
CA SER D 98 28.15 -11.57 -23.62
C SER D 98 28.15 -10.10 -23.25
N ILE D 99 26.97 -9.56 -22.97
CA ILE D 99 26.80 -8.17 -22.55
C ILE D 99 25.89 -8.21 -21.35
N ASN D 100 26.03 -7.22 -20.48
CA ASN D 100 25.18 -7.14 -19.30
C ASN D 100 24.81 -5.68 -19.02
N HIS D 101 23.76 -5.49 -18.24
CA HIS D 101 23.34 -4.15 -17.88
C HIS D 101 22.62 -4.27 -16.54
N THR D 102 22.94 -3.37 -15.64
CA THR D 102 22.32 -3.42 -14.33
C THR D 102 21.40 -2.23 -14.06
N TYR D 103 20.30 -2.51 -13.36
CA TYR D 103 19.33 -1.49 -12.99
C TYR D 103 19.27 -1.45 -11.49
N GLN D 104 18.92 -0.30 -10.95
CA GLN D 104 18.84 -0.20 -9.51
C GLN D 104 17.39 0.04 -9.15
N LEU D 105 16.87 -0.82 -8.28
CA LEU D 105 15.49 -0.67 -7.86
C LEU D 105 15.47 -0.12 -6.45
N ASP D 106 14.60 0.87 -6.27
CA ASP D 106 14.41 1.50 -4.98
C ASP D 106 12.90 1.62 -4.77
N VAL D 107 12.40 0.99 -3.70
CA VAL D 107 10.98 1.00 -3.38
C VAL D 107 10.69 1.89 -2.16
N VAL D 108 9.78 2.84 -2.31
CA VAL D 108 9.42 3.75 -1.22
C VAL D 108 8.03 3.45 -0.69
N GLU D 109 7.92 3.29 0.64
CA GLU D 109 6.61 3.05 1.27
C GLU D 109 6.14 4.41 1.75
N ARG D 110 4.98 4.88 1.30
CA ARG D 110 4.51 6.22 1.76
C ARG D 110 3.82 6.19 3.13
N SER D 111 3.67 7.37 3.75
CA SER D 111 3.02 7.57 5.06
C SER D 111 1.93 8.63 4.95
N PRO D 112 0.81 8.32 4.30
CA PRO D 112 -0.28 9.28 4.13
C PRO D 112 -1.13 9.48 5.36
N HIS D 113 -0.53 10.10 6.37
CA HIS D 113 -1.21 10.40 7.60
C HIS D 113 -0.70 11.71 8.18
N ARG D 114 -1.50 12.35 9.04
CA ARG D 114 -1.13 13.61 9.64
C ARG D 114 0.15 13.44 10.44
N PRO D 115 0.83 14.54 10.78
CA PRO D 115 2.08 14.51 11.55
C PRO D 115 2.01 13.73 12.87
N ILE D 116 3.13 13.18 13.30
CA ILE D 116 3.19 12.43 14.56
C ILE D 116 4.26 13.08 15.43
N LEU D 117 3.89 13.39 16.68
CA LEU D 117 4.83 14.01 17.60
C LEU D 117 5.33 12.93 18.56
N GLN D 118 6.61 12.98 18.93
CA GLN D 118 7.12 11.96 19.86
C GLN D 118 6.34 12.11 21.15
N ALA D 119 5.88 10.98 21.69
CA ALA D 119 5.13 11.04 22.93
C ALA D 119 6.09 11.46 24.02
N GLY D 120 5.60 12.24 24.98
CA GLY D 120 6.44 12.69 26.08
C GLY D 120 7.12 14.03 25.86
N LEU D 121 6.93 14.63 24.69
CA LEU D 121 7.54 15.92 24.34
C LEU D 121 6.53 16.85 23.67
N PRO D 122 6.47 18.12 24.10
CA PRO D 122 7.28 18.74 25.16
C PRO D 122 6.88 18.15 26.49
N ALA D 123 7.78 18.25 27.47
CA ALA D 123 7.48 17.73 28.80
C ALA D 123 7.27 18.87 29.79
N ASN D 124 6.47 18.60 30.81
CA ASN D 124 6.22 19.59 31.82
C ASN D 124 7.55 19.98 32.45
N LYS D 125 7.69 21.25 32.79
CA LYS D 125 8.92 21.76 33.37
C LYS D 125 8.58 22.63 34.58
N THR D 126 9.28 22.39 35.69
CA THR D 126 9.10 23.22 36.87
C THR D 126 10.46 23.89 37.05
N VAL D 127 10.48 25.22 37.12
CA VAL D 127 11.74 25.92 37.29
C VAL D 127 11.62 27.12 38.23
N ALA D 128 12.78 27.71 38.53
CA ALA D 128 12.85 28.87 39.42
C ALA D 128 12.70 30.14 38.61
N LEU D 129 12.10 31.16 39.23
CA LEU D 129 11.90 32.44 38.56
C LEU D 129 13.25 32.91 38.01
N GLY D 130 13.28 33.29 36.74
CA GLY D 130 14.52 33.77 36.15
C GLY D 130 15.33 32.74 35.38
N SER D 131 14.94 31.47 35.46
CA SER D 131 15.67 30.43 34.76
C SER D 131 15.55 30.56 33.24
N ASN D 132 16.22 29.66 32.53
CA ASN D 132 16.19 29.64 31.07
C ASN D 132 15.71 28.28 30.64
N VAL D 133 14.41 28.15 30.40
CA VAL D 133 13.84 26.87 29.98
C VAL D 133 13.69 26.80 28.45
N GLU D 134 13.72 25.59 27.90
CA GLU D 134 13.53 25.39 26.47
C GLU D 134 12.79 24.07 26.25
N PHE D 135 11.69 24.14 25.48
CA PHE D 135 10.87 22.96 25.20
C PHE D 135 11.26 22.29 23.91
N MET D 136 10.89 21.01 23.79
CA MET D 136 11.20 20.24 22.61
C MET D 136 9.95 19.65 22.00
N CYS D 137 10.04 19.34 20.71
CA CYS D 137 8.93 18.75 19.99
C CYS D 137 9.53 17.97 18.82
N LYS D 138 9.38 16.66 18.84
CA LYS D 138 9.94 15.84 17.78
C LYS D 138 8.80 15.43 16.83
N VAL D 139 8.84 15.97 15.62
CA VAL D 139 7.81 15.69 14.63
C VAL D 139 8.21 14.70 13.55
N TYR D 140 7.22 14.02 12.99
CA TYR D 140 7.43 13.07 11.90
C TYR D 140 6.32 13.24 10.88
N SER D 141 6.69 13.43 9.62
CA SER D 141 5.68 13.55 8.60
C SER D 141 6.34 13.27 7.27
N ASP D 142 5.62 12.56 6.41
CA ASP D 142 6.12 12.23 5.09
C ASP D 142 6.06 13.59 4.39
N PRO D 143 4.85 14.11 4.09
CA PRO D 143 4.82 15.41 3.43
C PRO D 143 5.26 16.47 4.44
N GLN D 144 5.87 17.55 3.95
CA GLN D 144 6.36 18.58 4.84
C GLN D 144 5.36 19.10 5.86
N PRO D 145 5.72 19.03 7.15
CA PRO D 145 4.82 19.52 8.19
C PRO D 145 5.03 20.99 8.54
N HIS D 146 3.94 21.67 8.91
CA HIS D 146 4.04 23.06 9.32
C HIS D 146 3.93 23.04 10.83
N ILE D 147 5.02 23.40 11.49
CA ILE D 147 5.10 23.43 12.94
C ILE D 147 4.88 24.83 13.49
N GLN D 148 4.36 24.91 14.72
CA GLN D 148 4.11 26.19 15.34
C GLN D 148 4.05 26.04 16.84
N TRP D 149 4.48 27.05 17.57
CA TRP D 149 4.42 27.02 19.02
C TRP D 149 3.43 28.04 19.54
N LEU D 150 2.63 27.63 20.52
CA LEU D 150 1.61 28.48 21.10
C LEU D 150 1.72 28.52 22.61
N LYS D 151 1.19 29.60 23.19
CA LYS D 151 1.11 29.69 24.64
C LYS D 151 -0.35 29.97 24.93
N HIS D 152 -0.90 29.24 25.89
CA HIS D 152 -2.31 29.40 26.28
C HIS D 152 -2.48 30.57 27.23
N VAL D 168 -4.80 32.21 22.68
CA VAL D 168 -3.40 31.81 22.54
C VAL D 168 -2.46 32.92 22.05
N GLN D 169 -1.16 32.65 22.13
CA GLN D 169 -0.16 33.57 21.67
C GLN D 169 0.80 32.79 20.78
N ILE D 170 0.86 33.16 19.51
CA ILE D 170 1.74 32.47 18.57
C ILE D 170 3.18 32.88 18.85
N LEU D 171 3.96 31.92 19.34
CA LEU D 171 5.34 32.18 19.68
C LEU D 171 6.34 31.92 18.57
N LYS D 172 6.07 30.90 17.76
CA LYS D 172 6.98 30.53 16.70
C LYS D 172 6.19 29.86 15.60
N THR D 173 6.58 30.10 14.35
CA THR D 173 5.91 29.50 13.23
C THR D 173 6.89 29.25 12.10
N ALA D 174 6.93 28.00 11.65
CA ALA D 174 7.84 27.60 10.59
C ALA D 174 7.56 28.32 9.29
N GLY D 175 8.62 28.52 8.52
CA GLY D 175 8.51 29.20 7.25
C GLY D 175 9.88 29.67 6.83
N VAL D 176 9.97 30.37 5.70
CA VAL D 176 11.24 30.87 5.23
C VAL D 176 12.00 31.70 6.28
N ASN D 177 11.27 32.39 7.14
CA ASN D 177 11.89 33.22 8.17
C ASN D 177 12.38 32.41 9.35
N THR D 178 11.80 31.23 9.54
CA THR D 178 12.19 30.39 10.64
C THR D 178 12.13 28.95 10.17
N THR D 179 13.26 28.52 9.62
CA THR D 179 13.46 27.19 9.07
C THR D 179 13.23 26.06 10.06
N ASP D 180 12.88 24.88 9.54
CA ASP D 180 12.64 23.71 10.38
C ASP D 180 13.77 23.53 11.37
N LYS D 181 14.98 23.92 10.96
CA LYS D 181 16.15 23.78 11.82
C LYS D 181 15.83 24.21 13.24
N GLU D 182 15.32 25.42 13.41
CA GLU D 182 15.02 25.93 14.73
C GLU D 182 13.62 25.66 15.26
N MET D 183 12.76 25.07 14.45
CA MET D 183 11.38 24.83 14.85
C MET D 183 11.05 23.74 15.86
N GLU D 184 11.98 22.83 16.13
CA GLU D 184 11.71 21.74 17.07
C GLU D 184 12.00 22.06 18.54
N VAL D 185 12.56 23.23 18.79
CA VAL D 185 12.86 23.61 20.16
C VAL D 185 12.39 25.05 20.47
N LEU D 186 11.57 25.19 21.51
CA LEU D 186 11.07 26.51 21.91
C LEU D 186 11.92 27.02 23.07
N HIS D 187 12.55 28.17 22.87
CA HIS D 187 13.42 28.75 23.87
C HIS D 187 12.76 29.83 24.69
N LEU D 188 12.82 29.69 26.00
CA LEU D 188 12.26 30.71 26.87
C LEU D 188 13.42 31.22 27.71
N ARG D 189 13.90 32.41 27.37
CA ARG D 189 15.03 33.05 28.03
C ARG D 189 14.62 33.79 29.30
N ASN D 190 15.22 33.41 30.43
CA ASN D 190 14.91 34.02 31.72
C ASN D 190 13.41 34.20 31.92
N VAL D 191 12.78 33.22 32.55
CA VAL D 191 11.34 33.26 32.74
C VAL D 191 10.91 34.16 33.89
N SER D 192 9.60 34.24 34.07
CA SER D 192 8.98 35.04 35.12
C SER D 192 7.64 34.40 35.43
N PHE D 193 7.05 34.73 36.57
CA PHE D 193 5.76 34.14 36.93
C PHE D 193 4.77 34.28 35.79
N GLU D 194 4.99 35.29 34.94
CA GLU D 194 4.11 35.54 33.82
C GLU D 194 4.22 34.40 32.79
N ASP D 195 5.45 34.02 32.46
CA ASP D 195 5.73 32.97 31.50
C ASP D 195 5.16 31.60 31.88
N ALA D 196 4.74 31.45 33.12
CA ALA D 196 4.16 30.18 33.55
C ALA D 196 2.94 29.90 32.67
N GLY D 197 2.55 28.63 32.56
CA GLY D 197 1.40 28.33 31.74
C GLY D 197 1.65 27.19 30.78
N GLU D 198 0.62 26.86 30.01
CA GLU D 198 0.65 25.78 29.06
C GLU D 198 1.19 26.19 27.68
N TYR D 199 2.20 25.47 27.23
CA TYR D 199 2.79 25.73 25.92
C TYR D 199 2.44 24.55 25.04
N THR D 200 2.10 24.83 23.79
CA THR D 200 1.70 23.79 22.87
C THR D 200 2.49 23.77 21.57
N CYS D 201 2.75 22.55 21.10
CA CYS D 201 3.47 22.37 19.86
C CYS D 201 2.52 21.77 18.82
N LEU D 202 2.23 22.54 17.75
CA LEU D 202 1.34 22.07 16.70
C LEU D 202 2.10 21.76 15.43
N ALA D 203 1.64 20.70 14.75
CA ALA D 203 2.23 20.28 13.49
C ALA D 203 1.14 19.72 12.59
N GLY D 204 1.11 20.18 11.35
CA GLY D 204 0.11 19.68 10.44
C GLY D 204 0.51 19.68 8.98
N ASN D 205 -0.15 18.84 8.21
CA ASN D 205 0.08 18.78 6.78
C ASN D 205 -1.28 18.82 6.16
N SER D 206 -1.36 18.58 4.86
CA SER D 206 -2.64 18.65 4.21
C SER D 206 -3.56 17.51 4.65
N ILE D 207 -2.99 16.45 5.19
CA ILE D 207 -3.81 15.33 5.62
C ILE D 207 -4.51 15.62 6.94
N GLY D 208 -3.78 16.15 7.92
CA GLY D 208 -4.43 16.43 9.19
C GLY D 208 -3.57 17.27 10.11
N LEU D 209 -4.00 17.38 11.36
CA LEU D 209 -3.26 18.16 12.35
C LEU D 209 -2.99 17.41 13.68
N SER D 210 -1.87 17.74 14.31
CA SER D 210 -1.49 17.12 15.58
C SER D 210 -0.93 18.20 16.48
N HIS D 211 -0.88 17.92 17.78
CA HIS D 211 -0.35 18.87 18.74
C HIS D 211 -0.21 18.23 20.12
N HIS D 212 0.88 18.56 20.81
CA HIS D 212 1.15 18.08 22.16
C HIS D 212 1.30 19.34 23.01
N SER D 213 0.86 19.28 24.26
CA SER D 213 0.97 20.43 25.14
C SER D 213 1.81 20.07 26.35
N ALA D 214 2.39 21.08 26.99
CA ALA D 214 3.21 20.88 28.18
C ALA D 214 2.95 22.05 29.12
N TRP D 215 3.26 21.84 30.39
CA TRP D 215 3.04 22.87 31.37
C TRP D 215 4.31 23.43 32.00
N LEU D 216 4.43 24.75 31.98
CA LEU D 216 5.57 25.41 32.59
C LEU D 216 5.16 25.93 33.98
N THR D 217 5.76 25.36 35.01
CA THR D 217 5.48 25.78 36.38
C THR D 217 6.69 26.57 36.87
N VAL D 218 6.47 27.82 37.27
CA VAL D 218 7.56 28.67 37.75
C VAL D 218 7.50 28.90 39.27
N LEU D 219 8.66 28.91 39.91
CA LEU D 219 8.76 29.13 41.35
C LEU D 219 9.95 30.06 41.68
#